data_3WLR
#
_entry.id   3WLR
#
_cell.length_a   100.688
_cell.length_b   100.688
_cell.length_c   183.294
_cell.angle_alpha   90.00
_cell.angle_beta   90.00
_cell.angle_gamma   90.00
#
_symmetry.space_group_name_H-M   'P 43 21 2'
#
loop_
_entity.id
_entity.type
_entity.pdbx_description
1 polymer 'Beta-D-glucan exohydrolase isoenzyme ExoI'
2 non-polymer 2-acetamido-2-deoxy-beta-D-glucopyranose
3 non-polymer GLYCEROL
4 water water
#
_entity_poly.entity_id   1
_entity_poly.type   'polypeptide(L)'
_entity_poly.pdbx_seq_one_letter_code
;HHAADYVLYKDATKPVEDRVADLLGRMTLAEKIGQMTQIERLVATPDVLRDNFIGSLLSGGGSVPRKGATAKEWQDMVDG
FQKACMSTRLGIPMIYGIDAVHGQNNVYGATIFPHNVGLGATRDPYLVKRIGEATALEVRATGIQYAFAPCIAVCRDPRW
GACYASYSEDRRIVQSMTELIPGLQGDVPKDFTSGMPFVAGKNKVAACAKHFVGDGGTVDGINENNTIINREGLMNIHMP
AYKNAMDKGVSTVMISYSSWNGVKMHANQDLVTGYLKDTLKFKGFVISDWEGIDRITTPAGSDYSYSVKASILAGLDMIM
VPNKYQQFISILTGHVNGGVIPMSRIDDAVTRILRVKFTMGLFENPYADPAMAEQLGKQEHRDLAREAARKSLVLLKNGK
TSTDAPLLPLPKKAPKILVAGSHADNLGYQCGGWTIEWQGDTGRTTVGTTILEAVKAAVDPSTVVVFAENPDAEFVKSGG
FSYAIVAVGEHPYTETKGDNLNLTIPEPGLSTVQAVCGGVRCATVLISGRPVVVQPLLAASDALVAAWLPGSEGQGVTDA
LFGDFGFTGRLPRTWFKSVDQLPMNVGDAHYDPLFRLGYGLTTNATKKY
;
_entity_poly.pdbx_strand_id   A
#
loop_
_chem_comp.id
_chem_comp.type
_chem_comp.name
_chem_comp.formula
GOL non-polymer GLYCEROL 'C3 H8 O3'
NAG D-saccharide, beta linking 2-acetamido-2-deoxy-beta-D-glucopyranose 'C8 H15 N O6'
#
# COMPACT_ATOMS: atom_id res chain seq x y z
N HIS A 1 -26.96 33.48 8.01
CA HIS A 1 -28.08 32.63 8.51
C HIS A 1 -28.06 32.45 10.06
N HIS A 2 -28.36 33.55 10.78
CA HIS A 2 -28.92 33.58 12.18
C HIS A 2 -28.17 34.41 13.27
N ALA A 3 -27.70 33.77 14.37
CA ALA A 3 -26.96 34.43 15.50
C ALA A 3 -25.93 35.52 15.07
N ALA A 4 -25.75 36.56 15.89
CA ALA A 4 -24.89 37.71 15.46
C ALA A 4 -23.39 37.40 15.25
N ASP A 5 -22.91 36.34 15.93
CA ASP A 5 -21.50 35.88 15.80
C ASP A 5 -21.28 34.81 14.66
N TYR A 6 -22.18 34.83 13.68
CA TYR A 6 -22.23 33.84 12.61
C TYR A 6 -21.13 34.03 11.57
N VAL A 7 -20.54 32.89 11.22
CA VAL A 7 -19.43 32.79 10.30
C VAL A 7 -19.83 31.72 9.28
N LEU A 8 -19.98 32.10 8.02
CA LEU A 8 -20.48 31.19 6.99
C LEU A 8 -19.72 29.85 6.92
N TYR A 9 -18.39 29.90 6.94
CA TYR A 9 -17.60 28.68 6.73
C TYR A 9 -17.78 27.67 7.83
N LYS A 10 -18.28 28.11 8.97
CA LYS A 10 -18.51 27.22 10.12
C LYS A 10 -19.91 26.58 10.12
N ASP A 11 -20.72 26.96 9.14
CA ASP A 11 -22.13 26.52 9.09
C ASP A 11 -22.20 25.18 8.34
N ALA A 12 -22.47 24.09 9.06
CA ALA A 12 -22.43 22.76 8.43
C ALA A 12 -23.48 22.55 7.29
N THR A 13 -24.50 23.42 7.22
CA THR A 13 -25.59 23.22 6.24
C THR A 13 -25.29 23.89 4.91
N LYS A 14 -24.14 24.56 4.80
CA LYS A 14 -23.84 25.28 3.56
C LYS A 14 -23.08 24.45 2.54
N PRO A 15 -23.20 24.80 1.25
CA PRO A 15 -22.49 24.05 0.22
C PRO A 15 -20.99 24.18 0.36
N VAL A 16 -20.29 23.10 0.03
CA VAL A 16 -18.84 23.00 0.24
C VAL A 16 -18.15 24.16 -0.48
N GLU A 17 -18.50 24.42 -1.74
CA GLU A 17 -17.82 25.50 -2.47
C GLU A 17 -17.93 26.86 -1.78
N ASP A 18 -19.10 27.13 -1.21
CA ASP A 18 -19.32 28.39 -0.46
C ASP A 18 -18.49 28.49 0.82
N ARG A 19 -18.36 27.36 1.50
CA ARG A 19 -17.61 27.34 2.74
C ARG A 19 -16.15 27.53 2.37
N VAL A 20 -15.69 26.85 1.33
CA VAL A 20 -14.34 27.02 0.87
C VAL A 20 -14.01 28.49 0.57
N ALA A 21 -14.88 29.13 -0.22
CA ALA A 21 -14.70 30.50 -0.65
C ALA A 21 -14.73 31.45 0.53
N ASP A 22 -15.65 31.20 1.46
CA ASP A 22 -15.80 32.09 2.57
C ASP A 22 -14.55 32.05 3.46
N LEU A 23 -13.97 30.86 3.64
CA LEU A 23 -12.86 30.69 4.57
C LEU A 23 -11.58 31.26 3.93
N LEU A 24 -11.36 30.88 2.66
CA LEU A 24 -10.22 31.33 1.87
C LEU A 24 -10.09 32.88 1.93
N GLY A 25 -11.21 33.57 1.69
CA GLY A 25 -11.21 35.03 1.70
C GLY A 25 -10.90 35.64 3.05
N ARG A 26 -10.88 34.84 4.13
CA ARG A 26 -10.52 35.43 5.45
C ARG A 26 -9.05 35.25 5.80
N MET A 27 -8.31 34.44 5.03
CA MET A 27 -7.03 33.93 5.44
C MET A 27 -5.86 34.84 5.09
N THR A 28 -4.91 34.93 6.01
CA THR A 28 -3.63 35.58 5.76
C THR A 28 -2.71 34.69 4.92
N LEU A 29 -1.69 35.28 4.33
CA LEU A 29 -0.68 34.50 3.63
C LEU A 29 -0.15 33.35 4.50
N ALA A 30 0.18 33.65 5.75
CA ALA A 30 0.73 32.65 6.66
C ALA A 30 -0.26 31.47 6.82
N GLU A 31 -1.54 31.79 6.99
CA GLU A 31 -2.58 30.78 7.18
C GLU A 31 -2.74 29.93 5.96
N LYS A 32 -2.51 30.55 4.80
CA LYS A 32 -2.58 29.85 3.55
C LYS A 32 -1.43 28.91 3.36
N ILE A 33 -0.21 29.42 3.54
CA ILE A 33 0.94 28.56 3.39
C ILE A 33 0.96 27.41 4.43
N GLY A 34 0.43 27.67 5.61
CA GLY A 34 0.34 26.68 6.67
C GLY A 34 -0.54 25.48 6.23
N GLN A 35 -1.65 25.76 5.54
CA GLN A 35 -2.51 24.69 4.98
C GLN A 35 -1.75 23.80 4.02
N MET A 36 -0.82 24.37 3.24
CA MET A 36 -0.04 23.62 2.28
C MET A 36 1.12 22.85 2.91
N THR A 37 1.27 22.89 4.22
CA THR A 37 2.39 22.27 4.84
C THR A 37 2.00 21.01 5.62
N GLN A 38 2.59 19.88 5.27
CA GLN A 38 2.38 18.65 6.05
C GLN A 38 3.66 18.27 6.78
N ILE A 39 3.59 17.99 8.08
CA ILE A 39 4.77 17.67 8.86
C ILE A 39 4.67 16.32 9.58
N GLU A 40 5.82 15.72 9.87
CA GLU A 40 5.90 14.52 10.73
C GLU A 40 5.41 14.77 12.15
N ARG A 41 4.64 13.83 12.71
CA ARG A 41 4.33 13.94 14.14
C ARG A 41 5.64 14.06 14.95
N LEU A 42 6.75 13.53 14.43
CA LEU A 42 8.01 13.59 15.20
C LEU A 42 8.46 15.01 15.46
N VAL A 43 8.08 15.95 14.59
CA VAL A 43 8.51 17.36 14.81
C VAL A 43 7.38 18.28 15.25
N ALA A 44 6.23 17.68 15.59
CA ALA A 44 5.05 18.49 15.91
C ALA A 44 4.91 18.72 17.40
N THR A 45 4.49 19.93 17.77
CA THR A 45 4.12 20.24 19.14
C THR A 45 2.93 21.18 19.01
N PRO A 46 2.19 21.40 20.12
CA PRO A 46 1.06 22.33 20.09
C PRO A 46 1.47 23.72 19.56
N ASP A 47 2.59 24.27 20.05
CA ASP A 47 3.01 25.61 19.62
C ASP A 47 3.35 25.69 18.12
N VAL A 48 3.96 24.61 17.62
CA VAL A 48 4.40 24.58 16.23
C VAL A 48 3.23 24.55 15.31
N LEU A 49 2.28 23.67 15.64
CA LEU A 49 1.01 23.55 14.90
C LEU A 49 0.22 24.84 14.85
N ARG A 50 0.04 25.52 16.00
CA ARG A 50 -0.63 26.84 16.06
C ARG A 50 0.15 27.93 15.35
N ASP A 51 1.42 28.14 15.78
CA ASP A 51 2.25 29.28 15.28
C ASP A 51 2.45 29.26 13.78
N ASN A 52 2.56 28.07 13.22
CA ASN A 52 2.70 27.91 11.78
C ASN A 52 1.40 27.54 11.01
N PHE A 53 0.28 27.47 11.72
CA PHE A 53 -1.03 27.27 11.06
C PHE A 53 -1.02 26.00 10.21
N ILE A 54 -0.37 24.95 10.73
CA ILE A 54 -0.03 23.73 9.98
C ILE A 54 -1.30 23.02 9.49
N GLY A 55 -1.26 22.48 8.26
CA GLY A 55 -2.49 22.02 7.58
C GLY A 55 -2.70 20.52 7.77
N SER A 56 -1.60 19.81 8.00
CA SER A 56 -1.66 18.34 7.99
C SER A 56 -0.49 17.72 8.71
N LEU A 57 -0.67 16.53 9.29
CA LEU A 57 0.44 15.75 9.82
C LEU A 57 0.46 14.35 9.22
N LEU A 58 1.59 13.66 9.32
CA LEU A 58 1.65 12.26 8.96
C LEU A 58 2.51 11.47 9.95
N SER A 59 2.34 10.15 9.95
CA SER A 59 3.31 9.22 10.49
C SER A 59 3.91 8.62 9.26
N GLY A 60 5.24 8.75 9.10
CA GLY A 60 5.98 7.91 8.14
C GLY A 60 6.09 6.48 8.71
N GLY A 61 6.73 5.55 7.99
CA GLY A 61 6.72 4.15 8.43
C GLY A 61 7.39 4.04 9.80
N GLY A 62 6.74 3.34 10.73
CA GLY A 62 7.28 3.18 12.07
C GLY A 62 7.29 4.41 12.97
N SER A 63 6.56 5.46 12.55
CA SER A 63 6.45 6.67 13.36
C SER A 63 5.18 6.54 14.17
N VAL A 64 5.35 6.13 15.43
CA VAL A 64 4.30 5.64 16.28
C VAL A 64 4.47 6.28 17.69
N PRO A 65 3.36 6.49 18.41
CA PRO A 65 3.46 7.10 19.72
C PRO A 65 4.32 6.26 20.68
N ARG A 66 4.22 4.95 20.56
CA ARG A 66 5.21 4.02 21.13
C ARG A 66 4.95 2.62 20.59
N LYS A 67 5.90 1.72 20.85
CA LYS A 67 5.75 0.36 20.39
C LYS A 67 4.58 -0.25 21.12
N GLY A 68 3.73 -0.99 20.43
CA GLY A 68 2.61 -1.67 21.09
C GLY A 68 1.46 -0.77 21.47
N ALA A 69 1.44 0.48 21.01
CA ALA A 69 0.39 1.41 21.42
C ALA A 69 -1.02 0.89 21.05
N THR A 70 -2.01 1.14 21.90
CA THR A 70 -3.40 0.71 21.66
C THR A 70 -4.05 1.71 20.69
N ALA A 71 -5.23 1.33 20.17
CA ALA A 71 -6.07 2.16 19.36
C ALA A 71 -6.30 3.50 20.06
N LYS A 72 -6.56 3.45 21.35
CA LYS A 72 -6.88 4.66 22.07
C LYS A 72 -5.67 5.59 22.25
N GLU A 73 -4.47 5.04 22.49
CA GLU A 73 -3.25 5.87 22.50
C GLU A 73 -3.06 6.62 21.16
N TRP A 74 -3.30 5.94 20.04
CA TRP A 74 -3.31 6.62 18.74
C TRP A 74 -4.34 7.73 18.73
N GLN A 75 -5.58 7.47 19.19
CA GLN A 75 -6.61 8.54 19.14
C GLN A 75 -6.20 9.77 19.96
N ASP A 76 -5.69 9.50 21.16
CA ASP A 76 -5.30 10.58 22.05
C ASP A 76 -4.16 11.40 21.42
N MET A 77 -3.22 10.74 20.74
CA MET A 77 -2.13 11.47 20.14
C MET A 77 -2.70 12.38 19.01
N VAL A 78 -3.56 11.81 18.17
CA VAL A 78 -4.17 12.57 17.10
C VAL A 78 -5.01 13.74 17.60
N ASP A 79 -5.89 13.47 18.57
CA ASP A 79 -6.71 14.53 19.16
C ASP A 79 -5.87 15.66 19.80
N GLY A 80 -4.80 15.29 20.51
CA GLY A 80 -3.85 16.26 21.06
C GLY A 80 -3.36 17.28 20.03
N PHE A 81 -2.88 16.77 18.88
CA PHE A 81 -2.55 17.58 17.72
C PHE A 81 -3.74 18.40 17.15
N GLN A 82 -4.90 17.76 16.98
CA GLN A 82 -6.09 18.46 16.50
C GLN A 82 -6.51 19.64 17.39
N LYS A 83 -6.45 19.42 18.70
CA LYS A 83 -6.76 20.44 19.72
C LYS A 83 -5.95 21.72 19.46
N ALA A 84 -4.67 21.55 19.15
CA ALA A 84 -3.81 22.66 18.89
C ALA A 84 -4.26 23.39 17.62
N CYS A 85 -4.56 22.66 16.54
CA CYS A 85 -4.95 23.28 15.27
C CYS A 85 -6.30 23.98 15.42
N MET A 86 -7.20 23.37 16.17
CA MET A 86 -8.51 23.95 16.36
C MET A 86 -8.45 25.25 17.19
N SER A 87 -7.34 25.48 17.89
CA SER A 87 -7.25 26.69 18.72
C SER A 87 -6.73 27.90 17.90
N THR A 88 -6.36 27.71 16.64
CA THR A 88 -5.88 28.85 15.85
C THR A 88 -7.04 29.82 15.72
N ARG A 89 -6.74 31.04 15.22
CA ARG A 89 -7.75 32.05 14.95
C ARG A 89 -8.92 31.54 14.11
N LEU A 90 -8.61 30.87 13.02
CA LEU A 90 -9.62 30.32 12.15
C LEU A 90 -10.11 28.90 12.57
N GLY A 91 -9.31 28.18 13.36
CA GLY A 91 -9.67 26.83 13.80
C GLY A 91 -9.91 25.88 12.66
N ILE A 92 -8.95 25.84 11.74
CA ILE A 92 -8.98 24.91 10.64
C ILE A 92 -8.40 23.58 11.16
N PRO A 93 -9.21 22.48 11.10
CA PRO A 93 -8.65 21.17 11.55
C PRO A 93 -7.58 20.68 10.59
N MET A 94 -6.56 20.04 11.16
CA MET A 94 -5.57 19.32 10.37
C MET A 94 -6.14 17.98 9.89
N ILE A 95 -5.51 17.41 8.88
CA ILE A 95 -5.88 16.10 8.40
C ILE A 95 -4.60 15.30 8.62
N TYR A 96 -4.74 14.10 9.21
CA TYR A 96 -3.62 13.24 9.57
C TYR A 96 -3.55 12.06 8.61
N GLY A 97 -2.44 11.89 7.91
CA GLY A 97 -2.27 10.76 7.01
C GLY A 97 -1.24 9.69 7.40
N ILE A 98 -1.40 8.50 6.83
CA ILE A 98 -0.54 7.42 7.17
C ILE A 98 -0.47 6.44 6.00
N ASP A 99 0.61 5.65 5.91
CA ASP A 99 0.62 4.57 4.94
C ASP A 99 -0.14 3.35 5.47
N ALA A 100 -1.45 3.35 5.21
CA ALA A 100 -2.25 2.13 5.46
C ALA A 100 -2.40 1.48 4.10
N VAL A 101 -1.41 0.68 3.73
CA VAL A 101 -1.35 0.10 2.39
C VAL A 101 -1.68 -1.42 2.30
N HIS A 102 -1.82 -2.13 3.44
CA HIS A 102 -2.36 -3.52 3.48
C HIS A 102 -2.95 -3.74 4.86
N GLY A 103 -3.98 -2.95 5.17
CA GLY A 103 -4.52 -2.74 6.52
C GLY A 103 -3.84 -1.51 7.12
N GLN A 104 -4.08 -1.28 8.41
CA GLN A 104 -3.52 -0.15 9.14
C GLN A 104 -2.15 -0.57 9.72
N ASN A 105 -1.21 -0.83 8.83
CA ASN A 105 -0.08 -1.66 9.04
C ASN A 105 1.04 -1.13 9.93
N ASN A 106 1.01 0.17 10.32
CA ASN A 106 1.98 0.68 11.32
C ASN A 106 1.53 0.30 12.73
N VAL A 107 0.27 -0.10 12.84
CA VAL A 107 -0.34 -0.24 14.15
C VAL A 107 -0.29 -1.69 14.71
N TYR A 108 0.03 -1.82 16.00
CA TYR A 108 0.15 -3.16 16.61
C TYR A 108 -1.25 -3.71 16.72
N GLY A 109 -1.50 -4.98 16.37
CA GLY A 109 -2.84 -5.53 16.44
C GLY A 109 -3.76 -5.22 15.27
N ALA A 110 -3.30 -4.40 14.31
CA ALA A 110 -4.11 -4.12 13.10
C ALA A 110 -4.12 -5.35 12.21
N THR A 111 -5.26 -5.61 11.56
CA THR A 111 -5.32 -6.72 10.64
C THR A 111 -4.34 -6.44 9.47
N ILE A 112 -3.57 -7.44 9.02
CA ILE A 112 -2.66 -7.23 7.91
C ILE A 112 -3.09 -8.05 6.71
N PHE A 113 -3.47 -7.33 5.65
CA PHE A 113 -4.00 -7.94 4.45
C PHE A 113 -2.87 -8.34 3.53
N PRO A 114 -3.11 -9.30 2.61
CA PRO A 114 -2.07 -9.53 1.59
C PRO A 114 -1.64 -8.22 0.82
N HIS A 115 -0.35 -8.11 0.48
CA HIS A 115 0.09 -6.96 -0.31
C HIS A 115 -0.55 -7.03 -1.71
N ASN A 116 -0.50 -5.93 -2.44
CA ASN A 116 -1.27 -5.75 -3.67
C ASN A 116 -0.97 -6.81 -4.75
N VAL A 117 0.30 -7.22 -4.89
CA VAL A 117 0.59 -8.22 -5.90
C VAL A 117 -0.31 -9.46 -5.77
N GLY A 118 -0.45 -10.01 -4.55
CA GLY A 118 -1.34 -11.15 -4.38
C GLY A 118 -2.80 -10.78 -4.54
N LEU A 119 -3.19 -9.57 -4.18
CA LEU A 119 -4.55 -9.12 -4.46
C LEU A 119 -4.85 -9.16 -5.96
N GLY A 120 -3.88 -8.78 -6.77
CA GLY A 120 -3.98 -8.92 -8.22
C GLY A 120 -4.28 -10.35 -8.64
N ALA A 121 -3.61 -11.32 -7.99
CA ALA A 121 -3.82 -12.74 -8.32
C ALA A 121 -5.26 -13.19 -8.10
N THR A 122 -6.02 -12.47 -7.28
CA THR A 122 -7.41 -12.86 -7.03
C THR A 122 -8.39 -12.53 -8.15
N ARG A 123 -7.97 -11.65 -9.08
CA ARG A 123 -8.93 -11.04 -10.02
C ARG A 123 -10.27 -10.71 -9.37
N ASP A 124 -10.26 -10.23 -8.13
CA ASP A 124 -11.54 -10.03 -7.42
C ASP A 124 -11.69 -8.58 -6.90
N PRO A 125 -12.21 -7.68 -7.76
CA PRO A 125 -12.24 -6.27 -7.35
C PRO A 125 -13.12 -6.06 -6.15
N TYR A 126 -14.18 -6.83 -6.02
CA TYR A 126 -15.10 -6.65 -4.92
C TYR A 126 -14.49 -7.06 -3.54
N LEU A 127 -13.71 -8.13 -3.56
CA LEU A 127 -12.87 -8.48 -2.43
C LEU A 127 -11.99 -7.24 -2.05
N VAL A 128 -11.42 -6.55 -3.06
CA VAL A 128 -10.49 -5.45 -2.77
C VAL A 128 -11.27 -4.28 -2.18
N LYS A 129 -12.52 -4.10 -2.63
CA LYS A 129 -13.38 -3.03 -2.08
C LYS A 129 -13.65 -3.31 -0.60
N ARG A 130 -13.90 -4.58 -0.26
CA ARG A 130 -14.19 -4.94 1.14
C ARG A 130 -12.93 -4.73 1.98
N ILE A 131 -11.77 -5.03 1.45
CA ILE A 131 -10.51 -4.69 2.13
C ILE A 131 -10.42 -3.16 2.36
N GLY A 132 -10.72 -2.34 1.34
CA GLY A 132 -10.73 -0.86 1.56
C GLY A 132 -11.69 -0.49 2.66
N GLU A 133 -12.89 -1.10 2.64
CA GLU A 133 -13.84 -0.87 3.71
C GLU A 133 -13.31 -1.19 5.10
N ALA A 134 -12.72 -2.35 5.26
CA ALA A 134 -12.22 -2.80 6.56
C ALA A 134 -11.03 -1.94 6.97
N THR A 135 -10.18 -1.60 6.01
CA THR A 135 -9.02 -0.70 6.28
C THR A 135 -9.49 0.67 6.76
N ALA A 136 -10.59 1.20 6.19
CA ALA A 136 -11.11 2.49 6.64
C ALA A 136 -11.47 2.46 8.15
N LEU A 137 -12.13 1.39 8.54
CA LEU A 137 -12.59 1.24 9.92
C LEU A 137 -11.44 1.12 10.85
N GLU A 138 -10.40 0.44 10.42
CA GLU A 138 -9.26 0.20 11.31
C GLU A 138 -8.32 1.41 11.36
N VAL A 139 -8.26 2.19 10.29
CA VAL A 139 -7.56 3.49 10.36
C VAL A 139 -8.33 4.48 11.26
N ARG A 140 -9.66 4.51 11.12
CA ARG A 140 -10.45 5.40 12.01
C ARG A 140 -10.42 4.95 13.45
N ALA A 141 -10.19 3.64 13.71
CA ALA A 141 -10.07 3.14 15.07
C ALA A 141 -8.92 3.84 15.78
N THR A 142 -7.93 4.26 14.99
CA THR A 142 -6.77 4.92 15.54
C THR A 142 -6.89 6.45 15.39
N GLY A 143 -8.06 6.93 14.97
CA GLY A 143 -8.26 8.37 14.90
C GLY A 143 -7.63 9.06 13.70
N ILE A 144 -7.23 8.29 12.68
CA ILE A 144 -6.63 8.83 11.48
C ILE A 144 -7.62 8.93 10.31
N GLN A 145 -7.50 10.03 9.54
CA GLN A 145 -8.54 10.36 8.52
C GLN A 145 -8.15 10.16 7.07
N TYR A 146 -6.93 9.72 6.81
CA TYR A 146 -6.38 9.77 5.45
C TYR A 146 -5.37 8.65 5.27
N ALA A 147 -5.57 7.78 4.27
CA ALA A 147 -4.63 6.73 3.99
C ALA A 147 -3.92 6.98 2.66
N PHE A 148 -2.61 6.79 2.64
CA PHE A 148 -1.86 6.91 1.42
C PHE A 148 -2.02 5.66 0.53
N ALA A 149 -3.21 5.46 -0.05
CA ALA A 149 -3.47 4.26 -0.81
C ALA A 149 -4.69 4.56 -1.71
N PRO A 150 -4.84 3.88 -2.86
CA PRO A 150 -3.97 2.79 -3.41
C PRO A 150 -2.80 3.26 -4.22
N CYS A 151 -1.77 2.43 -4.17
CA CYS A 151 -0.71 2.48 -5.15
C CYS A 151 -1.23 1.80 -6.41
N ILE A 152 -1.38 2.60 -7.46
CA ILE A 152 -1.83 2.13 -8.75
C ILE A 152 -0.69 2.16 -9.79
N ALA A 153 0.56 2.00 -9.33
CA ALA A 153 1.65 1.77 -10.25
C ALA A 153 1.39 0.46 -11.04
N VAL A 154 1.87 0.44 -12.29
CA VAL A 154 1.85 -0.76 -13.14
C VAL A 154 3.30 -1.21 -13.25
N CYS A 155 3.73 -2.14 -12.38
CA CYS A 155 5.14 -2.57 -12.31
C CYS A 155 5.49 -3.34 -13.57
N ARG A 156 6.49 -2.88 -14.30
CA ARG A 156 6.81 -3.49 -15.60
C ARG A 156 8.10 -4.27 -15.53
N ASP A 157 8.74 -4.32 -14.36
CA ASP A 157 9.99 -4.99 -14.19
C ASP A 157 10.12 -5.40 -12.70
N PRO A 158 10.01 -6.71 -12.40
CA PRO A 158 9.94 -7.14 -11.00
C PRO A 158 11.23 -6.91 -10.21
N ARG A 159 12.31 -6.48 -10.87
CA ARG A 159 13.52 -6.06 -10.13
C ARG A 159 13.28 -4.81 -9.29
N TRP A 160 12.16 -4.12 -9.59
CA TRP A 160 11.73 -2.97 -8.80
C TRP A 160 11.38 -3.36 -7.34
N GLY A 161 11.93 -2.64 -6.38
CA GLY A 161 11.69 -2.92 -4.97
C GLY A 161 10.27 -2.69 -4.51
N ALA A 162 9.46 -1.98 -5.31
CA ALA A 162 8.06 -1.79 -4.96
C ALA A 162 7.13 -2.60 -5.85
N CYS A 163 7.65 -3.60 -6.55
CA CYS A 163 6.78 -4.37 -7.41
C CYS A 163 5.58 -4.97 -6.64
N TYR A 164 5.78 -5.35 -5.36
CA TYR A 164 4.69 -5.99 -4.59
C TYR A 164 3.56 -5.03 -4.29
N ALA A 165 3.82 -3.73 -4.43
CA ALA A 165 2.78 -2.72 -4.21
C ALA A 165 1.91 -2.47 -5.44
N SER A 166 2.27 -3.11 -6.55
CA SER A 166 1.50 -3.02 -7.76
C SER A 166 0.61 -4.27 -7.91
N TYR A 167 -0.68 -4.06 -8.20
CA TYR A 167 -1.56 -5.22 -8.36
C TYR A 167 -1.16 -6.08 -9.55
N SER A 168 -0.56 -5.49 -10.60
CA SER A 168 -0.30 -6.24 -11.85
C SER A 168 0.60 -5.52 -12.84
N GLU A 169 1.25 -6.28 -13.74
CA GLU A 169 1.98 -5.66 -14.83
C GLU A 169 0.98 -5.20 -15.91
N ASP A 170 -0.25 -5.65 -15.81
CA ASP A 170 -1.27 -5.37 -16.77
C ASP A 170 -2.18 -4.31 -16.22
N ARG A 171 -2.18 -3.15 -16.87
CA ARG A 171 -3.02 -2.03 -16.42
C ARG A 171 -4.49 -2.36 -16.26
N ARG A 172 -5.05 -3.22 -17.09
CA ARG A 172 -6.46 -3.56 -16.92
C ARG A 172 -6.72 -4.15 -15.53
N ILE A 173 -5.75 -4.89 -14.98
CA ILE A 173 -5.98 -5.45 -13.64
C ILE A 173 -5.93 -4.34 -12.58
N VAL A 174 -4.90 -3.51 -12.67
CA VAL A 174 -4.78 -2.32 -11.82
C VAL A 174 -6.05 -1.46 -11.85
N GLN A 175 -6.53 -1.18 -13.08
CA GLN A 175 -7.79 -0.42 -13.24
C GLN A 175 -8.90 -1.05 -12.44
N SER A 176 -9.07 -2.35 -12.60
CA SER A 176 -10.15 -3.05 -11.85
C SER A 176 -10.01 -2.94 -10.32
N MET A 177 -8.77 -2.89 -9.83
CA MET A 177 -8.54 -2.84 -8.41
C MET A 177 -8.69 -1.46 -7.76
N THR A 178 -9.04 -0.46 -8.56
CA THR A 178 -9.31 0.88 -8.04
C THR A 178 -10.59 0.91 -7.23
N GLU A 179 -11.27 -0.23 -7.15
CA GLU A 179 -12.33 -0.41 -6.15
C GLU A 179 -11.85 -0.26 -4.71
N LEU A 180 -10.55 -0.27 -4.42
CA LEU A 180 -10.08 0.09 -3.06
C LEU A 180 -10.55 1.50 -2.73
N ILE A 181 -10.54 2.38 -3.72
CA ILE A 181 -11.00 3.78 -3.50
C ILE A 181 -12.35 3.92 -2.86
N PRO A 182 -13.47 3.47 -3.53
CA PRO A 182 -14.77 3.62 -2.85
C PRO A 182 -14.91 2.69 -1.63
N GLY A 183 -14.07 1.66 -1.49
CA GLY A 183 -14.07 0.96 -0.15
C GLY A 183 -13.53 1.89 0.96
N LEU A 184 -12.35 2.49 0.74
CA LEU A 184 -11.76 3.39 1.74
C LEU A 184 -12.63 4.61 1.96
N GLN A 185 -13.29 5.10 0.90
CA GLN A 185 -13.95 6.42 0.97
C GLN A 185 -15.45 6.37 1.05
N GLY A 186 -16.05 5.29 0.59
CA GLY A 186 -17.49 5.29 0.38
C GLY A 186 -17.81 5.41 -1.10
N ASP A 187 -18.96 4.88 -1.50
CA ASP A 187 -19.40 5.05 -2.92
C ASP A 187 -19.79 6.48 -3.23
N VAL A 188 -19.43 6.99 -4.39
CA VAL A 188 -19.92 8.32 -4.80
C VAL A 188 -21.41 8.24 -5.14
N PRO A 189 -22.16 9.35 -4.99
CA PRO A 189 -23.55 9.41 -5.50
C PRO A 189 -23.64 9.17 -7.01
N LYS A 190 -24.80 8.73 -7.47
CA LYS A 190 -25.00 8.45 -8.91
C LYS A 190 -24.74 9.68 -9.81
N ASP A 191 -25.02 10.86 -9.26
CA ASP A 191 -24.84 12.13 -9.95
C ASP A 191 -23.36 12.29 -10.34
N PHE A 192 -22.55 12.52 -9.30
CA PHE A 192 -21.09 12.59 -9.33
C PHE A 192 -20.23 12.94 -10.55
N THR A 193 -19.64 14.13 -10.50
CA THR A 193 -18.70 14.55 -11.52
C THR A 193 -17.27 13.98 -11.35
N SER A 194 -16.75 13.31 -12.38
CA SER A 194 -15.42 12.73 -12.34
C SER A 194 -14.37 13.79 -11.94
N GLY A 195 -13.43 13.42 -11.05
CA GLY A 195 -12.37 14.34 -10.60
C GLY A 195 -12.74 15.09 -9.34
N MET A 196 -14.02 15.15 -9.01
CA MET A 196 -14.42 15.68 -7.71
C MET A 196 -13.90 14.77 -6.59
N PRO A 197 -13.61 15.35 -5.40
CA PRO A 197 -13.06 14.51 -4.30
C PRO A 197 -14.27 14.06 -3.51
N PHE A 198 -14.19 12.93 -2.80
CA PHE A 198 -15.35 12.46 -2.02
C PHE A 198 -14.93 11.63 -0.81
N VAL A 199 -15.57 11.82 0.33
CA VAL A 199 -15.41 10.87 1.43
C VAL A 199 -16.78 10.90 2.10
N ALA A 200 -17.35 9.75 2.42
CA ALA A 200 -18.73 9.68 2.91
C ALA A 200 -18.95 10.35 4.25
N GLY A 201 -17.95 10.34 5.12
CA GLY A 201 -18.16 10.81 6.50
C GLY A 201 -17.11 10.23 7.46
N LYS A 202 -17.40 10.28 8.74
CA LYS A 202 -16.42 10.06 9.79
C LYS A 202 -15.98 8.61 9.92
N ASN A 203 -16.73 7.69 9.31
CA ASN A 203 -16.38 6.29 9.32
C ASN A 203 -15.59 5.86 8.11
N LYS A 204 -15.32 6.83 7.23
CA LYS A 204 -14.44 6.64 6.06
C LYS A 204 -13.17 7.51 6.16
N VAL A 205 -12.22 7.30 5.24
CA VAL A 205 -10.99 8.08 5.17
C VAL A 205 -10.78 8.59 3.73
N ALA A 206 -10.07 9.69 3.59
CA ALA A 206 -9.64 10.15 2.31
C ALA A 206 -8.60 9.17 1.80
N ALA A 207 -8.68 8.86 0.50
CA ALA A 207 -7.72 8.00 -0.18
C ALA A 207 -6.73 8.84 -1.00
N CYS A 208 -5.79 8.14 -1.65
CA CYS A 208 -4.69 8.78 -2.37
C CYS A 208 -4.22 7.88 -3.49
N ALA A 209 -4.42 8.29 -4.73
CA ALA A 209 -3.92 7.54 -5.86
C ALA A 209 -2.49 7.90 -6.08
N LYS A 210 -1.60 6.89 -6.13
CA LYS A 210 -0.19 7.18 -6.20
C LYS A 210 0.56 6.12 -6.98
N HIS A 211 1.80 6.41 -7.42
CA HIS A 211 2.39 7.73 -7.39
C HIS A 211 2.40 8.28 -8.84
N PHE A 212 1.77 9.41 -9.05
CA PHE A 212 1.57 9.95 -10.38
C PHE A 212 2.92 10.53 -10.93
N VAL A 213 3.43 10.03 -12.07
CA VAL A 213 2.86 8.90 -12.88
C VAL A 213 4.05 8.14 -13.51
N GLY A 214 3.87 6.86 -13.78
CA GLY A 214 4.91 6.02 -14.40
C GLY A 214 5.93 5.47 -13.40
N ASP A 215 5.57 5.51 -12.12
CA ASP A 215 6.46 4.96 -11.08
C ASP A 215 6.80 3.49 -11.35
N GLY A 216 5.89 2.78 -12.01
CA GLY A 216 6.12 1.39 -12.40
C GLY A 216 7.00 1.13 -13.63
N GLY A 217 7.36 2.19 -14.36
CA GLY A 217 8.08 2.04 -15.64
C GLY A 217 9.57 2.38 -15.64
N THR A 218 10.20 2.43 -14.47
CA THR A 218 11.58 2.89 -14.43
C THR A 218 12.58 1.89 -15.07
N VAL A 219 13.60 2.44 -15.73
CA VAL A 219 14.75 1.71 -16.30
C VAL A 219 15.30 0.64 -15.32
N ASP A 220 15.41 -0.61 -15.80
CA ASP A 220 15.91 -1.72 -14.96
C ASP A 220 15.16 -1.86 -13.61
N GLY A 221 13.91 -1.37 -13.54
CA GLY A 221 13.20 -1.18 -12.25
C GLY A 221 13.95 -0.50 -11.11
N ILE A 222 14.87 0.43 -11.42
CA ILE A 222 15.58 1.19 -10.38
C ILE A 222 14.53 2.11 -9.74
N ASN A 223 14.47 2.12 -8.40
CA ASN A 223 13.44 2.89 -7.70
C ASN A 223 13.71 4.41 -7.72
N GLU A 224 12.66 5.21 -8.02
CA GLU A 224 12.74 6.69 -8.04
C GLU A 224 13.46 7.23 -9.31
N ASN A 225 13.64 6.37 -10.30
CA ASN A 225 14.54 6.64 -11.42
C ASN A 225 13.79 7.17 -12.68
N ASN A 226 14.35 6.97 -13.87
CA ASN A 226 13.75 7.55 -15.09
C ASN A 226 12.86 6.55 -15.82
N THR A 227 11.66 6.98 -16.19
CA THR A 227 10.74 6.15 -16.98
C THR A 227 10.83 6.68 -18.42
N ILE A 228 11.41 5.85 -19.28
CA ILE A 228 11.64 6.24 -20.69
C ILE A 228 10.61 5.54 -21.58
N ILE A 229 9.68 6.33 -22.11
CA ILE A 229 8.60 5.79 -22.89
C ILE A 229 7.87 6.98 -23.50
N ASN A 230 7.40 6.85 -24.74
CA ASN A 230 6.74 7.97 -25.41
C ASN A 230 5.42 8.23 -24.73
N ARG A 231 4.80 9.37 -25.08
CA ARG A 231 3.53 9.78 -24.51
C ARG A 231 2.48 8.69 -24.68
N GLU A 232 2.46 8.05 -25.85
CA GLU A 232 1.50 6.96 -26.13
C GLU A 232 1.61 5.79 -25.12
N GLY A 233 2.84 5.35 -24.82
CA GLY A 233 3.09 4.28 -23.86
C GLY A 233 2.68 4.70 -22.45
N LEU A 234 3.06 5.93 -22.06
CA LEU A 234 2.64 6.53 -20.79
C LEU A 234 1.12 6.51 -20.65
N MET A 235 0.43 6.94 -21.70
CA MET A 235 -1.01 7.04 -21.65
C MET A 235 -1.68 5.68 -21.75
N ASN A 236 -1.05 4.72 -22.43
CA ASN A 236 -1.62 3.35 -22.64
C ASN A 236 -1.43 2.37 -21.45
N ILE A 237 -0.27 2.51 -20.78
CA ILE A 237 0.10 1.63 -19.65
C ILE A 237 -0.11 2.27 -18.26
N HIS A 238 0.53 3.43 -18.06
CA HIS A 238 0.69 4.00 -16.75
C HIS A 238 -0.30 5.02 -16.29
N MET A 239 -0.98 5.66 -17.24
CA MET A 239 -2.00 6.67 -16.93
C MET A 239 -3.43 6.13 -16.71
N PRO A 240 -3.88 5.11 -17.46
CA PRO A 240 -5.33 4.74 -17.38
C PRO A 240 -6.03 4.62 -16.00
N ALA A 241 -5.44 3.90 -15.05
CA ALA A 241 -6.07 3.75 -13.71
C ALA A 241 -6.27 5.12 -12.97
N TYR A 242 -5.45 6.12 -13.28
CA TYR A 242 -5.73 7.48 -12.75
C TYR A 242 -7.13 8.00 -13.11
N LYS A 243 -7.62 7.68 -14.31
CA LYS A 243 -8.97 8.11 -14.74
C LYS A 243 -10.10 7.39 -14.00
N ASN A 244 -9.99 6.07 -13.87
CA ASN A 244 -10.87 5.29 -12.97
C ASN A 244 -10.91 5.92 -11.56
N ALA A 245 -9.74 6.37 -11.07
CA ALA A 245 -9.65 7.04 -9.74
C ALA A 245 -10.40 8.35 -9.73
N MET A 246 -10.21 9.15 -10.79
CA MET A 246 -11.08 10.36 -10.96
C MET A 246 -12.55 9.99 -10.98
N ASP A 247 -12.94 8.96 -11.75
CA ASP A 247 -14.40 8.62 -11.76
C ASP A 247 -14.90 8.17 -10.39
N LYS A 248 -14.03 7.61 -9.54
CA LYS A 248 -14.48 7.12 -8.23
C LYS A 248 -14.24 8.15 -7.13
N GLY A 249 -13.85 9.38 -7.53
CA GLY A 249 -13.77 10.47 -6.57
C GLY A 249 -12.57 10.41 -5.61
N VAL A 250 -11.46 9.86 -6.04
CA VAL A 250 -10.28 9.80 -5.13
C VAL A 250 -9.99 11.26 -4.68
N SER A 251 -9.79 11.45 -3.37
CA SER A 251 -9.66 12.76 -2.80
C SER A 251 -8.29 13.42 -3.05
N THR A 252 -7.22 12.61 -3.13
CA THR A 252 -5.86 13.13 -3.27
C THR A 252 -5.06 12.30 -4.23
N VAL A 253 -3.99 12.90 -4.73
CA VAL A 253 -3.06 12.21 -5.61
C VAL A 253 -1.62 12.50 -5.14
N MET A 254 -0.79 11.46 -4.98
CA MET A 254 0.59 11.70 -4.58
C MET A 254 1.50 11.66 -5.80
N ILE A 255 2.46 12.60 -5.90
CA ILE A 255 3.39 12.61 -7.02
C ILE A 255 4.54 11.62 -6.83
N SER A 256 5.06 11.10 -7.96
CA SER A 256 6.18 10.16 -7.99
C SER A 256 7.56 10.81 -7.84
N TYR A 257 8.45 10.15 -7.09
CA TYR A 257 9.88 10.48 -7.11
C TYR A 257 10.50 10.38 -8.51
N SER A 258 9.86 9.56 -9.37
CA SER A 258 10.41 9.21 -10.69
C SER A 258 10.32 10.38 -11.68
N SER A 259 11.03 10.28 -12.80
CA SER A 259 11.01 11.30 -13.83
C SER A 259 10.41 10.67 -15.07
N TRP A 260 9.80 11.50 -15.91
CA TRP A 260 9.34 11.02 -17.22
C TRP A 260 10.14 11.63 -18.41
N ASN A 261 10.97 10.80 -19.04
CA ASN A 261 11.84 11.21 -20.15
C ASN A 261 12.75 12.36 -19.66
N GLY A 262 13.41 12.11 -18.50
CA GLY A 262 14.38 13.05 -17.90
C GLY A 262 13.78 14.19 -17.07
N VAL A 263 12.45 14.35 -17.13
CA VAL A 263 11.74 15.42 -16.38
C VAL A 263 11.13 14.93 -15.03
N LYS A 264 11.68 15.43 -13.90
CA LYS A 264 11.18 15.05 -12.56
C LYS A 264 9.68 15.28 -12.44
N MET A 265 8.93 14.24 -12.05
CA MET A 265 7.49 14.39 -11.78
C MET A 265 7.17 15.54 -10.81
N HIS A 266 8.01 15.72 -9.78
CA HIS A 266 7.72 16.77 -8.79
C HIS A 266 7.91 18.20 -9.34
N ALA A 267 8.44 18.30 -10.55
CA ALA A 267 8.60 19.62 -11.20
C ALA A 267 7.86 19.65 -12.52
N ASN A 268 6.97 18.69 -12.77
CA ASN A 268 6.37 18.56 -14.13
C ASN A 268 5.06 19.25 -14.28
N GLN A 269 5.13 20.53 -14.65
CA GLN A 269 3.92 21.31 -14.83
C GLN A 269 2.96 20.76 -15.84
N ASP A 270 3.50 20.34 -16.98
CA ASP A 270 2.69 19.78 -18.07
C ASP A 270 1.76 18.62 -17.56
N LEU A 271 2.35 17.63 -16.90
CA LEU A 271 1.53 16.50 -16.37
C LEU A 271 0.68 16.79 -15.16
N VAL A 272 1.23 17.50 -14.17
CA VAL A 272 0.48 17.79 -12.94
C VAL A 272 -0.63 18.79 -13.14
N THR A 273 -0.33 19.94 -13.74
CA THR A 273 -1.36 20.97 -13.96
C THR A 273 -2.07 20.73 -15.28
N GLY A 274 -1.29 20.57 -16.35
CA GLY A 274 -1.82 20.41 -17.71
C GLY A 274 -2.71 19.20 -17.92
N TYR A 275 -2.24 18.04 -17.46
CA TYR A 275 -3.01 16.81 -17.62
C TYR A 275 -3.98 16.50 -16.46
N LEU A 276 -3.41 16.27 -15.26
CA LEU A 276 -4.24 15.85 -14.13
C LEU A 276 -5.28 16.88 -13.73
N LYS A 277 -4.83 18.11 -13.48
CA LYS A 277 -5.81 19.14 -13.13
C LYS A 277 -6.69 19.60 -14.29
N ASP A 278 -6.04 19.98 -15.40
CA ASP A 278 -6.75 20.66 -16.49
C ASP A 278 -7.49 19.71 -17.45
N THR A 279 -6.95 18.51 -17.64
CA THR A 279 -7.57 17.53 -18.56
C THR A 279 -8.46 16.50 -17.81
N LEU A 280 -7.96 15.89 -16.73
CA LEU A 280 -8.79 14.93 -15.97
C LEU A 280 -9.73 15.64 -15.05
N LYS A 281 -9.53 16.95 -14.91
CA LYS A 281 -10.38 17.79 -14.07
C LYS A 281 -10.30 17.39 -12.59
N PHE A 282 -9.15 16.93 -12.13
CA PHE A 282 -9.01 16.59 -10.69
C PHE A 282 -9.16 17.87 -9.87
N LYS A 283 -10.01 17.81 -8.85
CA LYS A 283 -10.34 18.92 -8.00
C LYS A 283 -9.94 18.68 -6.51
N GLY A 284 -9.38 17.53 -6.16
CA GLY A 284 -8.90 17.29 -4.78
C GLY A 284 -7.55 17.94 -4.69
N PHE A 285 -6.70 17.55 -3.73
CA PHE A 285 -5.35 18.16 -3.68
C PHE A 285 -4.26 17.17 -4.11
N VAL A 286 -3.15 17.75 -4.58
CA VAL A 286 -2.03 17.01 -5.07
C VAL A 286 -0.90 17.11 -4.02
N ILE A 287 -0.36 15.98 -3.57
CA ILE A 287 0.58 15.98 -2.44
C ILE A 287 1.90 15.43 -2.95
N SER A 288 3.03 16.02 -2.50
CA SER A 288 4.33 15.46 -2.77
C SER A 288 4.52 14.14 -1.98
N ASP A 289 5.51 13.37 -2.38
CA ASP A 289 6.03 12.28 -1.62
C ASP A 289 7.06 12.89 -0.63
N TRP A 290 7.64 12.02 0.19
CA TRP A 290 8.46 12.37 1.35
C TRP A 290 9.77 13.01 0.90
N GLU A 291 9.94 14.30 1.16
CA GLU A 291 11.14 15.00 0.63
C GLU A 291 11.15 14.92 -0.87
N GLY A 292 9.96 14.74 -1.47
CA GLY A 292 9.85 14.68 -2.92
C GLY A 292 10.40 15.90 -3.69
N ILE A 293 10.10 17.09 -3.20
CA ILE A 293 10.62 18.31 -3.81
C ILE A 293 12.14 18.48 -3.66
N ASP A 294 12.71 18.04 -2.54
CA ASP A 294 14.17 18.05 -2.32
C ASP A 294 14.92 17.30 -3.42
N ARG A 295 14.32 16.19 -3.85
CA ARG A 295 14.91 15.23 -4.79
C ARG A 295 14.78 15.64 -6.26
N ILE A 296 14.15 16.78 -6.53
CA ILE A 296 14.15 17.38 -7.86
C ILE A 296 15.60 17.65 -8.27
N THR A 297 16.42 18.10 -7.32
CA THR A 297 17.82 18.42 -7.58
C THR A 297 18.79 17.28 -7.31
N THR A 298 20.00 17.45 -7.84
CA THR A 298 21.10 16.53 -7.71
C THR A 298 22.31 17.36 -7.31
N PRO A 299 22.83 17.11 -6.11
CA PRO A 299 22.25 16.21 -5.09
C PRO A 299 20.88 16.66 -4.53
N ALA A 300 20.25 15.76 -3.76
CA ALA A 300 18.93 16.07 -3.20
C ALA A 300 19.14 17.18 -2.20
N GLY A 301 18.22 18.15 -2.16
CA GLY A 301 18.31 19.18 -1.11
C GLY A 301 19.38 20.28 -1.30
N SER A 302 20.10 20.22 -2.41
CA SER A 302 21.17 21.16 -2.73
C SER A 302 20.70 22.58 -3.17
N ASP A 303 19.43 22.72 -3.55
CA ASP A 303 18.87 24.02 -3.87
C ASP A 303 17.37 24.01 -3.55
N TYR A 304 17.09 24.13 -2.26
CA TYR A 304 15.72 24.00 -1.75
C TYR A 304 14.82 25.14 -2.17
N SER A 305 15.38 26.34 -2.33
CA SER A 305 14.60 27.45 -2.90
C SER A 305 14.04 27.09 -4.25
N TYR A 306 14.87 26.48 -5.09
CA TYR A 306 14.41 25.95 -6.38
C TYR A 306 13.42 24.77 -6.26
N SER A 307 13.68 23.84 -5.32
CA SER A 307 12.72 22.74 -5.06
C SER A 307 11.34 23.31 -4.82
N VAL A 308 11.26 24.33 -3.97
CA VAL A 308 9.94 24.96 -3.63
C VAL A 308 9.29 25.66 -4.83
N LYS A 309 10.04 26.56 -5.48
CA LYS A 309 9.54 27.22 -6.67
C LYS A 309 9.01 26.23 -7.73
N ALA A 310 9.84 25.27 -8.12
CA ALA A 310 9.50 24.38 -9.22
C ALA A 310 8.29 23.48 -8.90
N SER A 311 8.22 23.01 -7.65
CA SER A 311 7.14 22.05 -7.29
C SER A 311 5.83 22.78 -7.20
N ILE A 312 5.88 23.94 -6.53
CA ILE A 312 4.67 24.76 -6.40
C ILE A 312 4.18 25.31 -7.76
N LEU A 313 5.10 25.81 -8.61
CA LEU A 313 4.64 26.22 -9.97
C LEU A 313 4.20 25.02 -10.84
N ALA A 314 4.79 23.85 -10.61
CA ALA A 314 4.32 22.63 -11.33
C ALA A 314 2.87 22.32 -10.98
N GLY A 315 2.41 22.79 -9.81
CA GLY A 315 1.02 22.60 -9.43
C GLY A 315 0.69 21.74 -8.20
N LEU A 316 1.71 21.41 -7.39
CA LEU A 316 1.51 20.62 -6.18
C LEU A 316 0.86 21.53 -5.16
N ASP A 317 -0.08 20.99 -4.36
CA ASP A 317 -0.85 21.76 -3.41
C ASP A 317 -0.33 21.63 -2.00
N MET A 318 0.08 20.42 -1.62
CA MET A 318 0.48 20.16 -0.25
C MET A 318 1.85 19.47 -0.26
N ILE A 319 2.79 19.93 0.55
CA ILE A 319 4.12 19.37 0.48
C ILE A 319 4.33 18.53 1.73
N MET A 320 4.76 17.30 1.54
CA MET A 320 5.09 16.44 2.67
C MET A 320 6.53 16.83 3.00
N VAL A 321 6.73 17.77 3.90
CA VAL A 321 8.09 18.35 4.06
C VAL A 321 9.20 17.30 4.33
N PRO A 322 9.07 16.46 5.36
CA PRO A 322 8.14 16.47 6.49
C PRO A 322 8.75 17.05 7.77
N ASN A 323 10.08 17.28 7.80
CA ASN A 323 10.79 17.81 8.99
C ASN A 323 11.07 19.29 9.03
N LYS A 324 11.65 19.83 7.96
CA LYS A 324 12.05 21.24 7.96
C LYS A 324 10.97 22.21 7.59
N TYR A 325 9.87 22.27 8.34
CA TYR A 325 8.75 23.19 8.00
C TYR A 325 9.18 24.67 8.02
N GLN A 326 10.07 25.06 8.93
CA GLN A 326 10.37 26.50 9.08
C GLN A 326 10.99 27.02 7.75
N GLN A 327 11.98 26.28 7.26
CA GLN A 327 12.58 26.53 5.97
C GLN A 327 11.58 26.51 4.80
N PHE A 328 10.76 25.46 4.71
CA PHE A 328 9.75 25.36 3.66
C PHE A 328 8.91 26.60 3.69
N ILE A 329 8.39 26.92 4.87
CA ILE A 329 7.44 28.04 5.02
C ILE A 329 8.08 29.39 4.70
N SER A 330 9.29 29.59 5.23
CA SER A 330 10.03 30.82 4.97
C SER A 330 10.29 31.01 3.48
N ILE A 331 10.77 29.95 2.84
CA ILE A 331 11.13 30.05 1.42
C ILE A 331 9.87 30.31 0.58
N LEU A 332 8.79 29.55 0.86
CA LEU A 332 7.58 29.76 0.09
C LEU A 332 7.09 31.16 0.35
N THR A 333 7.17 31.62 1.61
CA THR A 333 6.69 33.00 1.88
C THR A 333 7.49 34.06 1.04
N GLY A 334 8.82 33.94 1.04
CA GLY A 334 9.66 34.84 0.28
C GLY A 334 9.30 34.81 -1.20
N HIS A 335 9.07 33.62 -1.78
CA HIS A 335 8.76 33.56 -3.22
C HIS A 335 7.44 34.26 -3.53
N VAL A 336 6.48 34.20 -2.62
CA VAL A 336 5.22 34.88 -2.86
C VAL A 336 5.44 36.40 -2.70
N ASN A 337 6.17 36.79 -1.65
CA ASN A 337 6.39 38.20 -1.39
C ASN A 337 7.12 38.81 -2.60
N GLY A 338 8.04 38.05 -3.17
CA GLY A 338 8.80 38.53 -4.33
C GLY A 338 8.06 38.46 -5.67
N GLY A 339 6.81 38.03 -5.67
CA GLY A 339 6.09 37.91 -6.93
C GLY A 339 6.53 36.78 -7.83
N VAL A 340 7.46 35.94 -7.38
CA VAL A 340 7.91 34.78 -8.16
C VAL A 340 6.84 33.64 -8.25
N ILE A 341 5.91 33.58 -7.27
CA ILE A 341 4.81 32.60 -7.24
C ILE A 341 3.54 33.41 -7.03
N PRO A 342 2.64 33.46 -8.03
CA PRO A 342 1.52 34.39 -7.86
C PRO A 342 0.51 33.90 -6.79
N MET A 343 -0.30 34.82 -6.29
CA MET A 343 -1.25 34.52 -5.27
C MET A 343 -2.28 33.49 -5.77
N SER A 344 -2.59 33.51 -7.06
CA SER A 344 -3.58 32.62 -7.64
C SER A 344 -3.13 31.13 -7.47
N ARG A 345 -1.82 30.89 -7.48
CA ARG A 345 -1.29 29.54 -7.29
C ARG A 345 -1.52 29.09 -5.83
N ILE A 346 -1.22 29.96 -4.86
CA ILE A 346 -1.45 29.68 -3.44
C ILE A 346 -2.94 29.44 -3.19
N ASP A 347 -3.74 30.32 -3.71
CA ASP A 347 -5.19 30.28 -3.54
C ASP A 347 -5.80 28.98 -4.12
N ASP A 348 -5.25 28.51 -5.25
CA ASP A 348 -5.74 27.28 -5.83
C ASP A 348 -5.34 26.08 -4.92
N ALA A 349 -4.12 26.09 -4.35
CA ALA A 349 -3.65 24.96 -3.55
C ALA A 349 -4.51 24.86 -2.29
N VAL A 350 -4.77 25.99 -1.68
CA VAL A 350 -5.60 26.09 -0.50
C VAL A 350 -7.11 25.81 -0.76
N THR A 351 -7.66 26.28 -1.86
CA THR A 351 -9.01 25.91 -2.26
C THR A 351 -9.15 24.36 -2.26
N ARG A 352 -8.24 23.69 -2.93
CA ARG A 352 -8.24 22.27 -3.06
C ARG A 352 -8.07 21.55 -1.72
N ILE A 353 -7.11 21.99 -0.89
CA ILE A 353 -6.93 21.38 0.41
C ILE A 353 -8.21 21.53 1.27
N LEU A 354 -8.72 22.76 1.35
CA LEU A 354 -9.96 23.02 2.05
C LEU A 354 -11.12 22.24 1.45
N ARG A 355 -11.18 22.10 0.14
CA ARG A 355 -12.35 21.40 -0.46
C ARG A 355 -12.37 19.94 0.05
N VAL A 356 -11.22 19.26 0.04
CA VAL A 356 -11.14 17.89 0.60
C VAL A 356 -11.60 17.88 2.06
N LYS A 357 -11.08 18.82 2.88
CA LYS A 357 -11.41 18.86 4.32
C LYS A 357 -12.95 19.05 4.53
N PHE A 358 -13.53 20.06 3.86
CA PHE A 358 -14.98 20.26 4.01
C PHE A 358 -15.75 19.04 3.48
N THR A 359 -15.33 18.51 2.34
CA THR A 359 -16.11 17.46 1.71
C THR A 359 -16.24 16.20 2.62
N MET A 360 -15.14 15.85 3.27
CA MET A 360 -15.03 14.65 4.09
C MET A 360 -15.66 14.81 5.45
N GLY A 361 -16.13 16.01 5.79
CA GLY A 361 -16.76 16.18 7.09
C GLY A 361 -15.80 16.58 8.21
N LEU A 362 -14.57 16.97 7.83
CA LEU A 362 -13.52 17.16 8.83
C LEU A 362 -13.86 18.34 9.78
N PHE A 363 -14.53 19.40 9.27
CA PHE A 363 -14.93 20.50 10.17
C PHE A 363 -16.04 20.10 11.12
N GLU A 364 -16.82 19.08 10.75
CA GLU A 364 -17.89 18.64 11.64
C GLU A 364 -17.38 17.54 12.56
N ASN A 365 -16.42 16.72 12.13
CA ASN A 365 -15.88 15.71 13.07
C ASN A 365 -14.36 15.75 13.08
N PRO A 366 -13.79 16.80 13.70
CA PRO A 366 -12.36 16.92 13.74
C PRO A 366 -11.69 15.93 14.73
N TYR A 367 -12.47 15.35 15.65
CA TYR A 367 -11.92 14.50 16.72
C TYR A 367 -12.26 13.02 16.57
N ALA A 368 -11.42 12.19 17.18
CA ALA A 368 -11.59 10.73 17.07
C ALA A 368 -12.87 10.25 17.74
N ASP A 369 -13.34 9.09 17.34
CA ASP A 369 -14.52 8.48 18.00
C ASP A 369 -14.09 7.27 18.83
N PRO A 370 -14.12 7.40 20.15
CA PRO A 370 -13.59 6.36 21.00
C PRO A 370 -14.25 4.98 20.79
N ALA A 371 -15.48 4.95 20.29
CA ALA A 371 -16.19 3.69 20.10
C ALA A 371 -15.72 2.95 18.87
N MET A 372 -14.93 3.62 18.03
CA MET A 372 -14.33 2.96 16.88
C MET A 372 -13.09 2.19 17.26
N ALA A 373 -12.54 2.41 18.46
CA ALA A 373 -11.29 1.76 18.89
C ALA A 373 -11.31 0.23 18.73
N GLU A 374 -12.46 -0.38 19.01
CA GLU A 374 -12.63 -1.85 18.93
C GLU A 374 -12.67 -2.40 17.48
N GLN A 375 -12.73 -1.54 16.46
CA GLN A 375 -12.54 -2.02 15.09
C GLN A 375 -11.15 -2.60 14.80
N LEU A 376 -10.11 -2.20 15.55
CA LEU A 376 -8.72 -2.63 15.31
C LEU A 376 -8.61 -4.13 15.42
N GLY A 377 -8.14 -4.79 14.37
CA GLY A 377 -7.98 -6.25 14.38
C GLY A 377 -9.25 -7.05 14.65
N LYS A 378 -10.43 -6.45 14.44
CA LYS A 378 -11.75 -7.18 14.52
C LYS A 378 -11.69 -8.51 13.79
N GLN A 379 -12.18 -9.59 14.41
CA GLN A 379 -12.18 -10.93 13.79
C GLN A 379 -12.83 -10.97 12.41
N GLU A 380 -13.91 -10.24 12.22
CA GLU A 380 -14.51 -10.15 10.86
C GLU A 380 -13.50 -9.65 9.81
N HIS A 381 -12.65 -8.69 10.17
CA HIS A 381 -11.61 -8.20 9.25
C HIS A 381 -10.54 -9.26 8.99
N ARG A 382 -10.17 -9.97 10.07
CA ARG A 382 -9.24 -11.10 9.93
C ARG A 382 -9.84 -12.20 8.99
N ASP A 383 -11.13 -12.51 9.18
CA ASP A 383 -11.79 -13.44 8.27
C ASP A 383 -11.67 -13.01 6.83
N LEU A 384 -11.86 -11.71 6.58
CA LEU A 384 -11.71 -11.12 5.21
C LEU A 384 -10.26 -11.27 4.76
N ALA A 385 -9.29 -10.89 5.60
CA ALA A 385 -7.90 -11.06 5.22
C ALA A 385 -7.55 -12.52 4.92
N ARG A 386 -8.09 -13.44 5.72
CA ARG A 386 -7.88 -14.88 5.47
C ARG A 386 -8.42 -15.35 4.09
N GLU A 387 -9.65 -14.98 3.78
CA GLU A 387 -10.22 -15.16 2.42
C GLU A 387 -9.28 -14.59 1.33
N ALA A 388 -8.87 -13.34 1.47
CA ALA A 388 -7.93 -12.71 0.50
C ALA A 388 -6.62 -13.50 0.41
N ALA A 389 -6.10 -13.94 1.56
CA ALA A 389 -4.84 -14.69 1.53
C ALA A 389 -5.03 -15.94 0.65
N ARG A 390 -6.06 -16.72 0.98
CA ARG A 390 -6.39 -17.93 0.23
C ARG A 390 -6.63 -17.70 -1.28
N LYS A 391 -7.38 -16.66 -1.64
CA LYS A 391 -7.61 -16.41 -3.07
C LYS A 391 -6.40 -15.92 -3.81
N SER A 392 -5.40 -15.39 -3.09
CA SER A 392 -4.22 -14.86 -3.78
C SER A 392 -3.22 -15.94 -4.20
N LEU A 393 -3.34 -17.14 -3.62
CA LEU A 393 -2.30 -18.18 -3.78
C LEU A 393 -2.36 -18.68 -5.19
N VAL A 394 -1.19 -18.77 -5.85
CA VAL A 394 -1.19 -19.34 -7.17
C VAL A 394 -0.44 -20.70 -7.15
N LEU A 395 -1.16 -21.77 -7.50
CA LEU A 395 -0.60 -23.12 -7.54
C LEU A 395 0.16 -23.27 -8.84
N LEU A 396 1.48 -23.43 -8.75
CA LEU A 396 2.31 -23.53 -9.93
C LEU A 396 2.59 -24.97 -10.33
N LYS A 397 2.38 -25.92 -9.42
CA LYS A 397 2.75 -27.29 -9.72
C LYS A 397 2.15 -28.10 -8.60
N ASN A 398 1.55 -29.22 -8.99
CA ASN A 398 0.90 -30.13 -8.07
C ASN A 398 1.16 -31.59 -8.57
N GLY A 399 2.38 -32.09 -8.36
CA GLY A 399 2.83 -33.40 -8.87
C GLY A 399 3.97 -33.31 -9.90
N LYS A 400 5.01 -34.13 -9.72
CA LYS A 400 6.20 -34.06 -10.58
C LYS A 400 6.01 -34.66 -11.96
N THR A 401 5.10 -35.63 -12.08
CA THR A 401 4.81 -36.19 -13.39
C THR A 401 3.30 -36.18 -13.56
N SER A 402 2.86 -36.05 -14.80
CA SER A 402 1.44 -36.06 -15.08
C SER A 402 0.73 -37.30 -14.49
N THR A 403 1.47 -38.32 -14.06
CA THR A 403 0.83 -39.54 -13.58
C THR A 403 0.85 -39.77 -12.04
N ASP A 404 1.69 -39.00 -11.33
CA ASP A 404 1.68 -39.02 -9.90
C ASP A 404 0.28 -38.67 -9.40
N ALA A 405 -0.13 -39.28 -8.30
CA ALA A 405 -1.25 -38.79 -7.52
C ALA A 405 -0.97 -37.31 -7.18
N PRO A 406 -1.94 -36.41 -7.39
CA PRO A 406 -1.57 -35.03 -6.99
C PRO A 406 -1.38 -34.92 -5.47
N LEU A 407 -0.34 -34.22 -5.04
CA LEU A 407 -0.07 -34.01 -3.58
C LEU A 407 -1.17 -33.17 -2.89
N LEU A 408 -1.61 -32.10 -3.52
CA LEU A 408 -2.57 -31.23 -2.87
C LEU A 408 -3.95 -31.52 -3.46
N PRO A 409 -4.99 -31.51 -2.64
CA PRO A 409 -5.02 -31.19 -1.19
C PRO A 409 -4.47 -32.31 -0.32
N LEU A 410 -3.76 -31.91 0.74
CA LEU A 410 -3.15 -32.82 1.68
C LEU A 410 -4.21 -33.27 2.66
N PRO A 411 -4.11 -34.51 3.18
CA PRO A 411 -5.05 -34.92 4.24
C PRO A 411 -4.75 -34.26 5.59
N LYS A 412 -5.81 -33.83 6.30
CA LYS A 412 -5.68 -33.37 7.69
C LYS A 412 -5.35 -34.48 8.70
N LYS A 413 -5.63 -35.74 8.34
CA LYS A 413 -5.30 -36.82 9.27
C LYS A 413 -4.14 -37.63 8.74
N ALA A 414 -3.02 -37.58 9.47
CA ALA A 414 -1.86 -38.35 9.13
C ALA A 414 -1.09 -38.64 10.41
N PRO A 415 -0.31 -39.72 10.42
CA PRO A 415 0.28 -39.97 11.75
C PRO A 415 1.26 -38.89 12.21
N LYS A 416 2.08 -38.38 11.29
CA LYS A 416 3.15 -37.49 11.69
C LYS A 416 3.52 -36.65 10.46
N ILE A 417 3.62 -35.33 10.60
CA ILE A 417 3.98 -34.52 9.43
C ILE A 417 5.08 -33.53 9.80
N LEU A 418 5.82 -33.01 8.81
CA LEU A 418 6.88 -32.02 9.03
C LEU A 418 6.49 -30.66 8.47
N VAL A 419 6.68 -29.63 9.28
CA VAL A 419 6.61 -28.24 8.79
C VAL A 419 8.04 -27.70 8.94
N ALA A 420 8.56 -27.09 7.88
CA ALA A 420 9.96 -26.68 7.84
C ALA A 420 10.10 -25.40 7.06
N GLY A 421 11.23 -24.74 7.26
CA GLY A 421 11.61 -23.57 6.50
C GLY A 421 11.67 -22.26 7.31
N SER A 422 12.55 -21.37 6.86
CA SER A 422 12.69 -20.06 7.42
C SER A 422 11.39 -19.25 7.48
N HIS A 423 10.45 -19.53 6.59
CA HIS A 423 9.20 -18.75 6.51
C HIS A 423 7.98 -19.49 7.04
N ALA A 424 8.15 -20.69 7.60
CA ALA A 424 7.01 -21.47 8.08
C ALA A 424 6.45 -20.92 9.39
N ASP A 425 7.29 -20.26 10.18
CA ASP A 425 6.85 -19.78 11.50
C ASP A 425 7.44 -18.43 11.78
N ASN A 426 7.13 -17.47 10.89
CA ASN A 426 7.72 -16.14 10.97
C ASN A 426 6.69 -15.11 10.41
N LEU A 427 5.98 -14.46 11.31
CA LEU A 427 4.86 -13.61 10.98
C LEU A 427 5.37 -12.40 10.19
N GLY A 428 6.47 -11.83 10.65
CA GLY A 428 7.11 -10.70 10.01
C GLY A 428 7.42 -11.02 8.56
N TYR A 429 8.00 -12.20 8.30
CA TYR A 429 8.35 -12.57 6.95
C TYR A 429 7.09 -12.75 6.09
N GLN A 430 6.02 -13.33 6.65
CA GLN A 430 4.84 -13.52 5.81
C GLN A 430 4.08 -12.22 5.55
N CYS A 431 4.34 -11.18 6.35
CA CYS A 431 3.75 -9.84 6.10
C CYS A 431 4.57 -8.98 5.13
N GLY A 432 5.91 -9.07 5.18
CA GLY A 432 6.77 -8.31 4.27
C GLY A 432 6.78 -6.85 4.68
N GLY A 433 7.21 -5.98 3.75
CA GLY A 433 7.50 -4.59 4.12
C GLY A 433 6.26 -3.84 4.54
N TRP A 434 6.43 -2.67 5.16
CA TRP A 434 5.32 -1.84 5.59
C TRP A 434 4.45 -2.66 6.51
N THR A 435 5.07 -3.19 7.58
CA THR A 435 4.33 -3.83 8.64
C THR A 435 5.09 -3.57 9.91
N ILE A 436 4.46 -2.79 10.79
CA ILE A 436 4.98 -2.35 12.03
C ILE A 436 6.16 -1.39 11.77
N GLU A 437 7.25 -1.85 11.15
CA GLU A 437 8.27 -0.94 10.68
C GLU A 437 8.06 -0.58 9.23
N TRP A 438 8.77 0.44 8.80
CA TRP A 438 8.84 0.74 7.40
C TRP A 438 9.28 -0.46 6.51
N GLN A 439 10.44 -1.03 6.82
CA GLN A 439 11.02 -2.13 6.06
C GLN A 439 10.43 -3.51 6.43
N GLY A 440 9.34 -3.54 7.21
CA GLY A 440 8.92 -4.79 7.81
C GLY A 440 10.02 -5.24 8.79
N ASP A 441 9.93 -6.49 9.23
CA ASP A 441 10.76 -6.97 10.32
C ASP A 441 10.59 -8.50 10.40
N THR A 442 11.35 -9.13 11.31
CA THR A 442 11.36 -10.58 11.45
C THR A 442 10.70 -11.01 12.74
N GLY A 443 9.95 -12.11 12.70
CA GLY A 443 9.44 -12.73 13.93
C GLY A 443 8.02 -12.27 14.28
N ARG A 444 7.70 -12.32 15.56
CA ARG A 444 6.35 -12.07 16.05
C ARG A 444 6.11 -10.55 16.33
N THR A 445 5.92 -9.78 15.27
CA THR A 445 5.89 -8.33 15.38
C THR A 445 4.51 -7.74 15.67
N THR A 446 3.47 -8.58 15.53
CA THR A 446 2.13 -8.14 15.73
C THR A 446 1.25 -9.36 16.02
N VAL A 447 -0.06 -9.19 15.98
CA VAL A 447 -0.97 -10.30 16.25
C VAL A 447 -1.33 -10.97 14.93
N GLY A 448 -1.24 -12.31 14.90
CA GLY A 448 -1.54 -13.06 13.70
C GLY A 448 -1.29 -14.55 13.84
N THR A 449 -1.28 -15.26 12.70
CA THR A 449 -1.14 -16.69 12.68
C THR A 449 -0.09 -17.12 11.63
N THR A 450 1.01 -17.74 12.08
CA THR A 450 2.03 -18.18 11.14
C THR A 450 1.58 -19.43 10.42
N ILE A 451 2.30 -19.84 9.37
CA ILE A 451 1.96 -21.06 8.66
C ILE A 451 1.97 -22.29 9.59
N LEU A 452 3.00 -22.39 10.43
CA LEU A 452 3.06 -23.44 11.46
C LEU A 452 1.83 -23.45 12.34
N GLU A 453 1.46 -22.27 12.84
CA GLU A 453 0.29 -22.17 13.71
C GLU A 453 -1.01 -22.55 12.99
N ALA A 454 -1.09 -22.16 11.71
CA ALA A 454 -2.28 -22.45 10.91
C ALA A 454 -2.33 -23.99 10.70
N VAL A 455 -1.18 -24.61 10.47
CA VAL A 455 -1.15 -26.09 10.28
C VAL A 455 -1.67 -26.78 11.54
N LYS A 456 -1.12 -26.42 12.70
CA LYS A 456 -1.55 -27.04 13.95
C LYS A 456 -3.08 -26.79 14.22
N ALA A 457 -3.59 -25.60 13.85
CA ALA A 457 -5.04 -25.29 13.92
C ALA A 457 -5.93 -26.11 13.02
N ALA A 458 -5.37 -26.67 11.95
CA ALA A 458 -6.14 -27.26 10.89
C ALA A 458 -6.20 -28.79 11.01
N VAL A 459 -5.12 -29.41 11.47
CA VAL A 459 -5.05 -30.87 11.39
C VAL A 459 -5.88 -31.61 12.44
N ASP A 460 -6.18 -32.87 12.11
CA ASP A 460 -6.83 -33.79 13.03
C ASP A 460 -6.07 -33.85 14.33
N PRO A 461 -6.77 -34.02 15.44
CA PRO A 461 -6.07 -34.05 16.74
C PRO A 461 -5.03 -35.18 16.86
N SER A 462 -5.23 -36.25 16.10
CA SER A 462 -4.26 -37.36 16.11
C SER A 462 -3.04 -37.13 15.18
N THR A 463 -3.02 -36.02 14.42
CA THR A 463 -1.88 -35.76 13.55
C THR A 463 -0.79 -35.10 14.37
N VAL A 464 0.38 -35.72 14.41
CA VAL A 464 1.53 -35.17 15.13
C VAL A 464 2.25 -34.22 14.21
N VAL A 465 2.43 -32.97 14.68
CA VAL A 465 3.03 -31.94 13.83
C VAL A 465 4.42 -31.63 14.32
N VAL A 466 5.43 -31.85 13.49
CA VAL A 466 6.82 -31.57 13.94
C VAL A 466 7.30 -30.32 13.21
N PHE A 467 7.86 -29.38 13.94
CA PHE A 467 8.55 -28.25 13.29
C PHE A 467 10.07 -28.40 13.34
N ALA A 468 10.73 -28.08 12.23
CA ALA A 468 12.18 -27.93 12.18
C ALA A 468 12.52 -26.85 11.14
N GLU A 469 13.20 -25.78 11.55
CA GLU A 469 13.46 -24.67 10.64
C GLU A 469 14.29 -25.11 9.41
N ASN A 470 15.44 -25.72 9.64
CA ASN A 470 16.35 -26.13 8.58
C ASN A 470 16.83 -27.59 8.73
N PRO A 471 15.94 -28.55 8.52
CA PRO A 471 16.40 -29.89 8.91
C PRO A 471 17.30 -30.47 7.84
N ASP A 472 18.23 -31.34 8.21
CA ASP A 472 18.99 -32.07 7.17
C ASP A 472 18.28 -33.31 6.62
N ALA A 473 18.89 -33.86 5.56
CA ALA A 473 18.26 -34.87 4.76
C ALA A 473 18.03 -36.11 5.61
N GLU A 474 18.97 -36.42 6.52
CA GLU A 474 18.84 -37.61 7.38
C GLU A 474 17.64 -37.50 8.33
N PHE A 475 17.51 -36.33 8.95
CA PHE A 475 16.45 -36.10 9.88
C PHE A 475 15.10 -36.38 9.21
N VAL A 476 14.94 -35.88 7.99
CA VAL A 476 13.73 -36.09 7.25
C VAL A 476 13.51 -37.55 6.90
N LYS A 477 14.52 -38.19 6.29
CA LYS A 477 14.41 -39.64 5.96
C LYS A 477 14.08 -40.57 7.13
N SER A 478 14.59 -40.24 8.32
CA SER A 478 14.41 -41.06 9.51
C SER A 478 13.16 -40.68 10.25
N GLY A 479 12.51 -39.56 9.85
CA GLY A 479 11.44 -39.02 10.68
C GLY A 479 10.06 -39.68 10.66
N GLY A 480 9.85 -40.67 9.80
CA GLY A 480 8.51 -41.29 9.77
C GLY A 480 7.41 -40.30 9.33
N PHE A 481 7.78 -39.31 8.51
CA PHE A 481 6.81 -38.30 8.03
C PHE A 481 5.93 -38.78 6.90
N SER A 482 4.66 -38.36 6.92
CA SER A 482 3.76 -38.61 5.75
C SER A 482 3.95 -37.64 4.61
N TYR A 483 4.22 -36.38 4.93
CA TYR A 483 4.55 -35.34 3.94
C TYR A 483 5.19 -34.17 4.69
N ALA A 484 5.65 -33.16 3.96
CA ALA A 484 6.17 -32.00 4.63
C ALA A 484 5.60 -30.76 3.96
N ILE A 485 5.48 -29.67 4.73
CA ILE A 485 5.16 -28.36 4.16
C ILE A 485 6.38 -27.51 4.43
N VAL A 486 6.96 -26.93 3.40
CA VAL A 486 8.17 -26.16 3.62
C VAL A 486 7.99 -24.79 3.02
N ALA A 487 8.22 -23.77 3.83
CA ALA A 487 7.95 -22.40 3.42
C ALA A 487 9.26 -21.61 3.43
N VAL A 488 9.57 -21.01 2.28
CA VAL A 488 10.81 -20.24 2.09
C VAL A 488 10.50 -19.03 1.23
N GLY A 489 11.48 -18.14 1.13
CA GLY A 489 11.37 -17.02 0.20
C GLY A 489 12.13 -15.76 0.60
N GLU A 490 11.57 -14.63 0.21
CA GLU A 490 12.24 -13.34 0.39
C GLU A 490 12.12 -12.80 1.79
N HIS A 491 13.12 -12.03 2.17
CA HIS A 491 13.02 -11.19 3.34
C HIS A 491 12.16 -9.93 3.13
N PRO A 492 11.67 -9.32 4.21
CA PRO A 492 10.91 -8.08 4.03
C PRO A 492 11.74 -6.89 3.48
N TYR A 493 11.14 -6.09 2.61
CA TYR A 493 11.78 -4.89 2.08
C TYR A 493 10.72 -3.94 1.59
N THR A 494 11.12 -2.69 1.36
CA THR A 494 10.27 -1.74 0.63
C THR A 494 11.11 -0.85 -0.28
N GLU A 495 10.53 -0.47 -1.39
CA GLU A 495 11.12 0.48 -2.34
C GLU A 495 12.65 0.27 -2.52
N THR A 496 13.52 1.27 -2.38
CA THR A 496 14.93 1.14 -2.88
C THR A 496 15.70 -0.04 -2.27
N LYS A 497 15.61 -0.23 -0.94
CA LYS A 497 16.20 -1.45 -0.33
C LYS A 497 15.85 -2.75 -1.07
N GLY A 498 14.70 -2.78 -1.76
CA GLY A 498 14.25 -3.99 -2.44
C GLY A 498 14.60 -4.13 -3.92
N ASP A 499 15.15 -3.08 -4.53
CA ASP A 499 15.68 -3.19 -5.90
C ASP A 499 16.68 -4.34 -5.86
N ASN A 500 16.55 -5.27 -6.79
CA ASN A 500 17.28 -6.53 -6.70
C ASN A 500 17.46 -7.00 -8.13
N LEU A 501 18.70 -7.16 -8.56
CA LEU A 501 18.99 -7.53 -9.94
C LEU A 501 19.06 -9.02 -10.16
N ASN A 502 19.27 -9.80 -9.13
CA ASN A 502 19.40 -11.22 -9.31
C ASN A 502 18.11 -12.00 -9.02
N LEU A 503 17.21 -11.43 -8.21
CA LEU A 503 15.92 -12.07 -7.88
C LEU A 503 16.07 -13.55 -7.47
N THR A 504 17.09 -13.86 -6.69
CA THR A 504 17.18 -15.23 -6.19
C THR A 504 17.05 -15.20 -4.66
N ILE A 505 16.30 -16.14 -4.12
CA ILE A 505 15.97 -16.06 -2.71
C ILE A 505 17.20 -16.42 -1.85
N PRO A 506 17.25 -15.88 -0.64
CA PRO A 506 18.37 -16.16 0.24
C PRO A 506 18.40 -17.59 0.71
N GLU A 507 19.60 -18.04 0.98
CA GLU A 507 19.85 -19.33 1.56
C GLU A 507 19.90 -19.13 3.06
N PRO A 508 19.57 -20.16 3.85
CA PRO A 508 19.12 -21.46 3.40
C PRO A 508 17.65 -21.36 2.94
N GLY A 509 17.34 -21.87 1.77
CA GLY A 509 15.98 -21.76 1.24
C GLY A 509 15.83 -22.97 0.36
N LEU A 510 16.39 -22.82 -0.84
CA LEU A 510 16.54 -23.91 -1.78
C LEU A 510 17.15 -25.12 -1.11
N SER A 511 18.20 -24.94 -0.30
CA SER A 511 18.83 -26.13 0.31
C SER A 511 17.88 -26.91 1.26
N THR A 512 17.12 -26.18 2.08
CA THR A 512 16.11 -26.77 2.97
C THR A 512 15.05 -27.54 2.14
N VAL A 513 14.58 -26.90 1.08
CA VAL A 513 13.61 -27.53 0.19
C VAL A 513 14.16 -28.85 -0.38
N GLN A 514 15.40 -28.81 -0.87
CA GLN A 514 16.02 -30.01 -1.41
C GLN A 514 16.15 -31.12 -0.34
N ALA A 515 16.61 -30.75 0.83
CA ALA A 515 16.79 -31.68 1.93
C ALA A 515 15.43 -32.29 2.31
N VAL A 516 14.40 -31.47 2.41
CA VAL A 516 13.09 -31.98 2.79
C VAL A 516 12.50 -32.86 1.72
N CYS A 517 12.44 -32.34 0.50
CA CYS A 517 11.73 -33.00 -0.59
C CYS A 517 12.47 -34.27 -1.07
N GLY A 518 13.76 -34.32 -0.76
CA GLY A 518 14.54 -35.51 -1.05
C GLY A 518 14.14 -36.65 -0.12
N GLY A 519 13.56 -36.36 1.05
CA GLY A 519 13.17 -37.43 1.97
C GLY A 519 11.69 -37.86 1.94
N VAL A 520 10.79 -36.92 1.64
CA VAL A 520 9.38 -37.13 1.78
C VAL A 520 8.67 -36.21 0.80
N ARG A 521 7.46 -36.60 0.37
CA ARG A 521 6.61 -35.80 -0.53
C ARG A 521 6.50 -34.39 0.08
N CYS A 522 6.62 -33.32 -0.70
CA CYS A 522 6.62 -31.96 -0.11
C CYS A 522 5.76 -30.94 -0.87
N ALA A 523 5.02 -30.12 -0.13
CA ALA A 523 4.44 -28.88 -0.66
C ALA A 523 5.29 -27.65 -0.23
N THR A 524 5.83 -26.97 -1.23
CA THR A 524 6.68 -25.83 -0.99
C THR A 524 5.83 -24.59 -1.11
N VAL A 525 5.85 -23.74 -0.08
CA VAL A 525 5.15 -22.47 -0.09
C VAL A 525 6.21 -21.35 -0.26
N LEU A 526 6.14 -20.67 -1.41
CA LEU A 526 7.05 -19.55 -1.73
C LEU A 526 6.48 -18.21 -1.31
N ILE A 527 7.10 -17.59 -0.33
CA ILE A 527 6.70 -16.28 0.15
C ILE A 527 7.59 -15.25 -0.60
N SER A 528 6.97 -14.40 -1.41
CA SER A 528 7.74 -13.37 -2.15
C SER A 528 6.88 -12.19 -2.56
N GLY A 529 7.54 -11.10 -2.98
CA GLY A 529 6.81 -9.90 -3.38
C GLY A 529 6.68 -9.80 -4.89
N ARG A 530 7.01 -10.88 -5.60
CA ARG A 530 7.27 -10.85 -7.03
C ARG A 530 7.79 -12.21 -7.44
N PRO A 531 7.73 -12.49 -8.76
CA PRO A 531 8.43 -13.69 -9.27
C PRO A 531 9.92 -13.66 -8.94
N VAL A 532 10.46 -14.83 -8.60
CA VAL A 532 11.90 -15.00 -8.28
C VAL A 532 12.33 -16.25 -9.04
N VAL A 533 13.63 -16.42 -9.20
CA VAL A 533 14.16 -17.61 -9.85
C VAL A 533 13.57 -18.79 -9.09
N VAL A 534 12.81 -19.62 -9.81
CA VAL A 534 12.04 -20.68 -9.22
C VAL A 534 12.28 -22.11 -9.78
N GLN A 535 12.96 -22.27 -10.93
CA GLN A 535 13.14 -23.62 -11.51
C GLN A 535 13.82 -24.62 -10.53
N PRO A 536 14.87 -24.18 -9.80
CA PRO A 536 15.43 -25.20 -8.89
C PRO A 536 14.44 -25.65 -7.79
N LEU A 537 13.63 -24.72 -7.29
CA LEU A 537 12.61 -25.01 -6.28
C LEU A 537 11.51 -25.91 -6.85
N LEU A 538 11.04 -25.58 -8.07
CA LEU A 538 10.18 -26.51 -8.77
C LEU A 538 10.78 -27.91 -8.95
N ALA A 539 12.06 -28.01 -9.32
CA ALA A 539 12.58 -29.33 -9.63
C ALA A 539 12.54 -30.26 -8.40
N ALA A 540 12.66 -29.67 -7.20
CA ALA A 540 12.77 -30.43 -5.95
C ALA A 540 11.39 -30.83 -5.46
N SER A 541 10.39 -30.03 -5.79
CA SER A 541 9.07 -30.06 -5.15
C SER A 541 8.02 -30.92 -5.85
N ASP A 542 7.21 -31.61 -5.08
CA ASP A 542 6.04 -32.27 -5.60
C ASP A 542 4.99 -31.24 -5.97
N ALA A 543 4.72 -30.28 -5.08
CA ALA A 543 3.78 -29.21 -5.35
C ALA A 543 4.46 -27.91 -4.92
N LEU A 544 4.11 -26.80 -5.58
CA LEU A 544 4.68 -25.50 -5.22
C LEU A 544 3.62 -24.41 -5.36
N VAL A 545 3.49 -23.60 -4.30
CA VAL A 545 2.50 -22.53 -4.25
C VAL A 545 3.19 -21.17 -4.19
N ALA A 546 2.83 -20.26 -5.11
CA ALA A 546 3.24 -18.84 -4.95
C ALA A 546 2.26 -18.14 -4.02
N ALA A 547 2.71 -17.86 -2.78
CA ALA A 547 1.81 -17.24 -1.80
C ALA A 547 2.01 -15.71 -1.65
N TRP A 548 2.93 -15.13 -2.41
CA TRP A 548 3.18 -13.69 -2.31
C TRP A 548 3.49 -13.29 -0.87
N LEU A 549 2.88 -12.21 -0.39
CA LEU A 549 3.05 -11.74 0.99
C LEU A 549 1.69 -11.69 1.65
N PRO A 550 1.21 -12.87 2.16
CA PRO A 550 -0.22 -13.08 2.48
C PRO A 550 -0.72 -12.31 3.68
N GLY A 551 0.18 -11.79 4.51
CA GLY A 551 -0.23 -10.96 5.65
C GLY A 551 -0.36 -11.69 6.97
N SER A 552 -1.19 -11.18 7.88
CA SER A 552 -1.25 -11.73 9.21
C SER A 552 -2.00 -13.06 9.31
N GLU A 553 -2.83 -13.36 8.33
CA GLU A 553 -3.77 -14.51 8.49
C GLU A 553 -3.29 -15.73 7.77
N GLY A 554 -2.31 -16.43 8.39
CA GLY A 554 -1.75 -17.63 7.80
C GLY A 554 -2.75 -18.76 7.49
N GLN A 555 -3.91 -18.80 8.15
CA GLN A 555 -4.88 -19.87 7.80
C GLN A 555 -5.41 -19.80 6.39
N GLY A 556 -5.19 -18.68 5.70
CA GLY A 556 -5.51 -18.60 4.27
C GLY A 556 -4.66 -19.57 3.47
N VAL A 557 -3.38 -19.71 3.84
CA VAL A 557 -2.49 -20.68 3.21
C VAL A 557 -3.02 -22.14 3.39
N THR A 558 -3.24 -22.55 4.63
CA THR A 558 -3.66 -23.89 4.95
C THR A 558 -5.12 -24.17 4.52
N ASP A 559 -5.99 -23.17 4.44
CA ASP A 559 -7.37 -23.38 3.86
C ASP A 559 -7.29 -24.03 2.48
N ALA A 560 -6.27 -23.66 1.72
CA ALA A 560 -6.13 -24.26 0.41
C ALA A 560 -5.25 -25.54 0.46
N LEU A 561 -4.18 -25.53 1.24
CA LEU A 561 -3.30 -26.68 1.27
C LEU A 561 -4.08 -27.94 1.62
N PHE A 562 -5.02 -27.82 2.56
CA PHE A 562 -5.79 -28.94 3.10
C PHE A 562 -7.17 -29.12 2.44
N GLY A 563 -7.45 -28.36 1.38
CA GLY A 563 -8.64 -28.60 0.61
C GLY A 563 -9.96 -28.03 1.13
N ASP A 564 -9.95 -27.20 2.16
CA ASP A 564 -11.16 -26.51 2.53
C ASP A 564 -11.67 -25.66 1.35
N PHE A 565 -10.76 -25.14 0.52
CA PHE A 565 -11.21 -24.45 -0.71
C PHE A 565 -10.25 -24.87 -1.80
N GLY A 566 -10.71 -24.83 -3.06
CA GLY A 566 -9.82 -25.06 -4.21
C GLY A 566 -8.90 -23.86 -4.44
N PHE A 567 -7.74 -24.10 -5.02
CA PHE A 567 -6.87 -23.00 -5.44
C PHE A 567 -7.57 -22.33 -6.62
N THR A 568 -7.63 -20.99 -6.63
CA THR A 568 -8.19 -20.25 -7.77
C THR A 568 -7.25 -19.12 -8.29
N GLY A 569 -6.22 -18.76 -7.50
CA GLY A 569 -5.32 -17.69 -7.91
C GLY A 569 -4.72 -17.84 -9.29
N ARG A 570 -4.59 -16.71 -9.99
CA ARG A 570 -3.92 -16.68 -11.31
C ARG A 570 -2.81 -15.61 -11.34
N LEU A 571 -1.65 -15.96 -11.91
CA LEU A 571 -0.54 -15.01 -11.96
C LEU A 571 -0.99 -13.61 -12.45
N PRO A 572 -0.78 -12.56 -11.63
CA PRO A 572 -1.04 -11.20 -12.14
C PRO A 572 0.23 -10.62 -12.82
N ARG A 573 1.29 -11.42 -12.94
CA ARG A 573 2.54 -10.99 -13.54
C ARG A 573 3.10 -12.14 -14.35
N THR A 574 4.01 -11.80 -15.26
CA THR A 574 4.75 -12.78 -16.02
C THR A 574 5.82 -13.42 -15.13
N TRP A 575 5.90 -14.75 -15.11
CA TRP A 575 7.01 -15.41 -14.45
C TRP A 575 8.15 -15.71 -15.44
N PHE A 576 9.29 -15.05 -15.23
CA PHE A 576 10.42 -15.13 -16.16
C PHE A 576 11.22 -16.45 -15.98
N LYS A 577 11.93 -16.85 -17.03
CA LYS A 577 12.87 -17.95 -16.91
C LYS A 577 14.21 -17.48 -16.34
N SER A 578 14.62 -16.26 -16.71
CA SER A 578 15.89 -15.69 -16.22
C SER A 578 15.82 -14.16 -16.17
N VAL A 579 16.59 -13.58 -15.27
CA VAL A 579 16.60 -12.12 -15.15
C VAL A 579 17.13 -11.41 -16.41
N ASP A 580 18.00 -12.08 -17.17
CA ASP A 580 18.53 -11.53 -18.43
C ASP A 580 17.43 -11.26 -19.46
N GLN A 581 16.24 -11.84 -19.27
CA GLN A 581 15.13 -11.59 -20.19
C GLN A 581 14.53 -10.26 -19.90
N LEU A 582 14.76 -9.74 -18.68
CA LEU A 582 13.96 -8.59 -18.27
C LEU A 582 14.46 -7.28 -18.92
N PRO A 583 13.53 -6.34 -19.19
CA PRO A 583 12.10 -6.46 -18.82
C PRO A 583 11.40 -7.29 -19.85
N MET A 584 10.36 -8.02 -19.45
CA MET A 584 9.60 -8.84 -20.36
C MET A 584 8.13 -8.90 -19.93
N ASN A 585 7.25 -8.32 -20.76
CA ASN A 585 5.80 -8.23 -20.45
C ASN A 585 4.85 -8.84 -21.43
N VAL A 586 3.71 -9.30 -20.92
CA VAL A 586 2.67 -9.86 -21.79
C VAL A 586 2.38 -8.89 -22.94
N GLY A 587 2.37 -9.43 -24.16
CA GLY A 587 2.23 -8.62 -25.39
C GLY A 587 3.54 -8.24 -26.07
N ASP A 588 4.67 -8.59 -25.48
CA ASP A 588 5.96 -8.01 -25.90
C ASP A 588 6.57 -8.48 -27.22
N ALA A 589 7.89 -8.28 -27.32
CA ALA A 589 8.77 -8.75 -28.39
C ALA A 589 8.77 -10.28 -28.48
N HIS A 590 9.95 -10.88 -28.39
CA HIS A 590 9.94 -12.32 -28.11
C HIS A 590 9.67 -12.57 -26.60
N TYR A 591 8.38 -12.78 -26.31
CA TYR A 591 7.88 -13.11 -25.01
C TYR A 591 8.00 -14.61 -24.69
N ASP A 592 8.93 -14.93 -23.81
CA ASP A 592 9.30 -16.32 -23.50
C ASP A 592 9.26 -16.62 -21.97
N PRO A 593 8.03 -16.69 -21.41
CA PRO A 593 7.85 -16.82 -19.95
C PRO A 593 8.02 -18.27 -19.47
N LEU A 594 8.49 -18.44 -18.23
CA LEU A 594 8.33 -19.74 -17.54
C LEU A 594 6.87 -20.04 -17.33
N PHE A 595 6.11 -19.08 -16.80
CA PHE A 595 4.66 -19.22 -16.65
C PHE A 595 4.12 -17.87 -17.10
N ARG A 596 3.13 -17.87 -18.00
CA ARG A 596 2.59 -16.64 -18.59
C ARG A 596 1.63 -15.97 -17.58
N LEU A 597 1.38 -14.67 -17.76
CA LEU A 597 0.32 -14.01 -17.01
C LEU A 597 -0.99 -14.79 -17.17
N GLY A 598 -1.77 -14.91 -16.09
CA GLY A 598 -3.00 -15.69 -16.15
C GLY A 598 -2.79 -17.15 -15.76
N TYR A 599 -1.56 -17.62 -15.80
CA TYR A 599 -1.29 -19.02 -15.36
C TYR A 599 -1.67 -19.28 -13.87
N GLY A 600 -2.43 -20.32 -13.66
CA GLY A 600 -2.55 -20.90 -12.32
C GLY A 600 -3.26 -22.25 -12.43
N LEU A 601 -2.76 -23.24 -11.70
CA LEU A 601 -3.40 -24.56 -11.61
C LEU A 601 -4.50 -24.50 -10.58
N THR A 602 -5.43 -25.42 -10.68
CA THR A 602 -6.58 -25.40 -9.75
C THR A 602 -6.69 -26.75 -8.99
N THR A 603 -7.44 -26.73 -7.89
CA THR A 603 -7.86 -27.95 -7.22
C THR A 603 -9.31 -27.76 -6.88
N ASN A 604 -9.95 -28.83 -6.41
CA ASN A 604 -11.31 -28.71 -5.86
C ASN A 604 -11.34 -28.88 -4.36
N ALA A 605 -12.33 -28.27 -3.72
CA ALA A 605 -12.55 -28.46 -2.29
C ALA A 605 -12.76 -29.98 -2.00
N THR A 606 -12.05 -30.50 -0.98
CA THR A 606 -12.28 -31.82 -0.39
C THR A 606 -13.73 -31.94 0.09
N LYS A 607 -14.35 -33.11 -0.11
CA LYS A 607 -15.80 -33.35 0.15
C LYS A 607 -16.71 -32.50 -0.77
C1 NAG B . 18.90 6.69 -11.91
C2 NAG B . 19.11 8.21 -11.73
C3 NAG B . 20.56 8.65 -11.95
C4 NAG B . 21.57 7.69 -11.31
C5 NAG B . 21.21 6.23 -11.70
C6 NAG B . 22.17 5.16 -11.19
C7 NAG B . 17.12 9.59 -12.24
C8 NAG B . 16.71 9.51 -10.80
N2 NAG B . 18.25 8.97 -12.62
O3 NAG B . 20.74 9.93 -11.39
O4 NAG B . 22.87 8.07 -11.72
O5 NAG B . 19.89 5.93 -11.24
O6 NAG B . 22.20 5.15 -9.78
O7 NAG B . 16.40 10.21 -13.00
C1 NAG C . 20.91 -10.20 -5.01
C2 NAG C . 22.17 -10.69 -4.29
C3 NAG C . 22.02 -10.49 -2.77
C4 NAG C . 21.72 -9.00 -2.53
C5 NAG C . 20.54 -8.53 -3.39
C6 NAG C . 20.23 -7.05 -3.17
C7 NAG C . 23.46 -12.36 -5.57
C8 NAG C . 24.32 -11.28 -6.22
N2 NAG C . 22.49 -12.07 -4.68
O3 NAG C . 23.15 -10.90 -2.03
O4 NAG C . 21.45 -8.81 -1.17
O5 NAG C . 20.78 -8.81 -4.77
O6 NAG C . 20.18 -6.35 -4.40
O7 NAG C . 23.65 -13.54 -5.87
C1 NAG D . -12.55 -30.90 -10.09
C2 NAG D . -12.51 -32.41 -10.41
C3 NAG D . -12.17 -32.47 -11.92
C4 NAG D . -13.35 -31.82 -12.69
C5 NAG D . -13.82 -30.46 -12.10
C6 NAG D . -15.24 -30.14 -12.59
C7 NAG D . -10.64 -33.68 -9.10
C8 NAG D . -10.46 -34.49 -7.85
N2 NAG D . -11.89 -33.25 -9.34
O3 NAG D . -11.90 -33.78 -12.42
O4 NAG D . -13.04 -31.64 -14.05
O5 NAG D . -13.72 -30.35 -10.68
O6 NAG D . -16.20 -30.68 -11.71
O7 NAG D . -9.66 -33.48 -9.82
C1 GOL E . 11.32 7.40 5.43
O1 GOL E . 11.89 6.77 6.58
C2 GOL E . 10.03 6.77 4.89
O2 GOL E . 9.53 7.58 3.85
C3 GOL E . 8.95 6.61 5.96
O3 GOL E . 7.63 6.77 5.48
C1 GOL F . 3.59 7.70 1.44
O1 GOL F . 3.51 6.91 0.25
C2 GOL F . 4.93 8.36 1.69
O2 GOL F . 6.01 7.59 1.18
C3 GOL F . 5.10 8.57 3.20
O3 GOL F . 5.50 7.43 3.92
C1 GOL G . 15.61 31.93 3.25
O1 GOL G . 15.98 31.54 4.55
C2 GOL G . 14.16 32.40 3.25
O2 GOL G . 13.53 31.30 3.82
C3 GOL G . 13.53 32.69 1.88
O3 GOL G . 13.50 34.04 1.45
C1 GOL H . 20.74 12.25 -5.56
O1 GOL H . 21.26 12.94 -6.66
C2 GOL H . 21.54 12.67 -4.34
O2 GOL H . 22.91 12.59 -4.67
C3 GOL H . 21.22 11.73 -3.20
O3 GOL H . 21.95 12.17 -2.07
C1 GOL I . -15.37 -18.92 -2.57
O1 GOL I . -16.03 -20.00 -1.95
C2 GOL I . -15.60 -17.61 -1.81
O2 GOL I . -15.61 -17.80 -0.40
C3 GOL I . -16.86 -16.86 -2.30
O3 GOL I . -16.60 -16.14 -3.51
C1 GOL J . -2.38 -26.87 20.15
O1 GOL J . -2.34 -27.10 18.77
C2 GOL J . -2.36 -25.37 20.39
O2 GOL J . -3.03 -25.01 21.59
C3 GOL J . -2.80 -24.53 19.17
O3 GOL J . -3.46 -25.30 18.18
C1 GOL K . -2.66 36.54 -9.42
O1 GOL K . -2.70 36.14 -8.07
C2 GOL K . -1.97 37.88 -9.30
O2 GOL K . -0.73 37.79 -9.97
C3 GOL K . -1.75 38.08 -7.83
O3 GOL K . -0.54 37.46 -7.47
C1 GOL L . -10.69 0.32 -23.56
O1 GOL L . -11.41 -0.72 -22.94
C2 GOL L . -9.20 0.04 -23.41
O2 GOL L . -8.50 0.63 -24.49
C3 GOL L . -8.97 -1.47 -23.36
O3 GOL L . -9.55 -2.00 -22.18
#